data_8CHD
#
_entry.id   8CHD
#
_cell.length_a   52.310
_cell.length_b   86.850
_cell.length_c   100.980
_cell.angle_alpha   90.000
_cell.angle_beta   93.170
_cell.angle_gamma   90.000
#
_symmetry.space_group_name_H-M   'P 1 21 1'
#
loop_
_entity.id
_entity.type
_entity.pdbx_description
1 polymer Glycosyltransferase
2 non-polymer GLYCEROL
3 non-polymer 1,2-ETHANEDIOL
4 non-polymer "URIDINE-5'-DIPHOSPHATE"
5 water water
#
_entity_poly.entity_id   1
_entity_poly.type   'polypeptide(L)'
_entity_poly.pdbx_seq_one_letter_code
;MAETAIVTKSENPHIVILPSPGMGHLIPLVEFSKRLISQHQFSVTLILPTDGPISNSQKSFLNSLPSCMDYHLLPPVNFD
DLPLDVKIETRISLTVTRSLSSLREVFKTLVDSKKVVAFVVDLFGTDAFDVAIDFNVSPYIFFPSTAMALSLFLYLPKLD
ATVSCEYRDLPDPIQIPGCIPIHGKDLLDPVQDRKNEAYRWLLHHSKRYRMAEGVVSNSFKELEGGPIKALQEEEPGKPP
VYPVGPLIQMDSGSKVDGSGCLTWLDEQPRGSVLYVSYGSGGTLSHEQLIEVASGLEMSEQRFLWVIRCPNDTVANATYF
NVQDSTNPLDFLPKGFLERTKGLGLVVPNWAPQAQILSHGSTGGFLTHCGWNSTLESVVHGVPLIAWPLYAEQKMNAVML
TEDIKVALRPKANENGLVGRLEIAKVVKGLMEGEEGKGVRTRMRDLKDAAAKVLSQDGSSTKALAELATKLKNKVLINGS
ENLYFQ
;
_entity_poly.pdbx_strand_id   A,B
#
# COMPACT_ATOMS: atom_id res chain seq x y z
N GLU A 11 -22.78 -13.61 10.80
CA GLU A 11 -22.01 -13.30 12.00
C GLU A 11 -21.58 -11.84 11.97
N ASN A 12 -21.17 -11.31 13.11
CA ASN A 12 -20.87 -9.90 13.20
C ASN A 12 -19.59 -9.58 12.42
N PRO A 13 -19.52 -8.39 11.82
CA PRO A 13 -18.24 -7.95 11.24
C PRO A 13 -17.19 -7.83 12.33
N HIS A 14 -16.02 -8.40 12.07
CA HIS A 14 -14.98 -8.56 13.07
C HIS A 14 -13.78 -7.70 12.71
N ILE A 15 -13.18 -7.07 13.71
CA ILE A 15 -12.01 -6.22 13.55
C ILE A 15 -10.90 -6.77 14.42
N VAL A 16 -9.70 -6.87 13.85
CA VAL A 16 -8.51 -7.30 14.57
C VAL A 16 -7.64 -6.07 14.79
N ILE A 17 -7.13 -5.91 16.01
CA ILE A 17 -6.39 -4.72 16.42
C ILE A 17 -5.07 -5.15 17.05
N LEU A 18 -3.98 -4.47 16.65
CA LEU A 18 -2.63 -4.76 17.12
C LEU A 18 -2.03 -3.48 17.70
N PRO A 19 -2.13 -3.27 19.01
CA PRO A 19 -1.49 -2.11 19.62
C PRO A 19 0.01 -2.26 19.71
N SER A 20 0.70 -1.14 19.70
CA SER A 20 2.11 -1.18 20.00
C SER A 20 2.32 -1.24 21.51
N PRO A 21 3.41 -1.87 21.97
CA PRO A 21 3.63 -1.98 23.42
C PRO A 21 3.43 -0.67 24.15
N GLY A 22 2.79 -0.74 25.31
CA GLY A 22 2.57 0.46 26.13
C GLY A 22 1.08 0.67 26.37
N MET A 23 0.73 0.81 27.65
CA MET A 23 -0.67 1.09 28.00
C MET A 23 -1.17 2.39 27.36
N GLY A 24 -0.29 3.39 27.23
CA GLY A 24 -0.70 4.64 26.60
C GLY A 24 -1.36 4.45 25.24
N HIS A 25 -0.90 3.45 24.48
CA HIS A 25 -1.51 3.17 23.18
C HIS A 25 -2.75 2.29 23.34
N LEU A 26 -2.84 1.52 24.41
CA LEU A 26 -3.92 0.55 24.59
C LEU A 26 -5.23 1.23 24.97
N ILE A 27 -5.18 2.22 25.84
CA ILE A 27 -6.36 2.93 26.35
C ILE A 27 -7.19 3.47 25.20
N PRO A 28 -6.62 4.29 24.32
CA PRO A 28 -7.43 4.83 23.21
C PRO A 28 -7.96 3.77 22.27
N LEU A 29 -7.19 2.70 22.04
CA LEU A 29 -7.65 1.65 21.14
C LEU A 29 -8.84 0.90 21.71
N VAL A 30 -8.88 0.71 23.04
CA VAL A 30 -10.01 0.01 23.65
C VAL A 30 -11.27 0.83 23.53
N GLU A 31 -11.17 2.16 23.66
CA GLU A 31 -12.35 3.01 23.52
C GLU A 31 -12.87 2.99 22.08
N PHE A 32 -11.97 3.03 21.10
CA PHE A 32 -12.35 2.91 19.70
C PHE A 32 -13.11 1.60 19.48
N SER A 33 -12.60 0.50 20.03
CA SER A 33 -13.29 -0.78 19.91
C SER A 33 -14.66 -0.73 20.58
N LYS A 34 -14.72 -0.18 21.80
CA LYS A 34 -15.98 -0.14 22.53
C LYS A 34 -17.05 0.61 21.76
N ARG A 35 -16.66 1.71 21.10
CA ARG A 35 -17.64 2.49 20.37
C ARG A 35 -18.03 1.83 19.05
N LEU A 36 -17.13 1.06 18.46
CA LEU A 36 -17.49 0.26 17.28
C LEU A 36 -18.44 -0.87 17.66
N ILE A 37 -18.25 -1.43 18.85
CA ILE A 37 -19.10 -2.52 19.31
C ILE A 37 -20.49 -2.00 19.65
N SER A 38 -20.54 -0.90 20.41
CA SER A 38 -21.83 -0.42 20.92
C SER A 38 -22.64 0.28 19.85
N GLN A 39 -21.97 1.00 18.93
CA GLN A 39 -22.69 1.84 17.98
C GLN A 39 -22.89 1.17 16.63
N HIS A 40 -22.06 0.19 16.27
CA HIS A 40 -22.15 -0.42 14.94
C HIS A 40 -22.08 -1.94 15.02
N GLN A 41 -22.24 -2.52 16.21
CA GLN A 41 -22.38 -3.97 16.38
C GLN A 41 -21.20 -4.73 15.79
N PHE A 42 -19.99 -4.19 15.98
CA PHE A 42 -18.79 -4.95 15.66
C PHE A 42 -18.40 -5.88 16.80
N SER A 43 -17.56 -6.85 16.47
CA SER A 43 -16.82 -7.67 17.43
C SER A 43 -15.33 -7.44 17.17
N VAL A 44 -14.52 -7.59 18.22
CA VAL A 44 -13.13 -7.15 18.17
C VAL A 44 -12.24 -8.21 18.81
N THR A 45 -11.05 -8.40 18.23
CA THR A 45 -10.01 -9.19 18.85
C THR A 45 -8.77 -8.32 19.02
N LEU A 46 -8.23 -8.30 20.22
CA LEU A 46 -7.04 -7.52 20.54
C LEU A 46 -5.84 -8.47 20.61
N ILE A 47 -4.92 -8.33 19.65
CA ILE A 47 -3.67 -9.11 19.62
C ILE A 47 -2.56 -8.27 20.24
N LEU A 48 -2.01 -8.75 21.34
CA LEU A 48 -1.04 -7.99 22.12
C LEU A 48 0.34 -8.63 22.07
N PRO A 49 1.32 -8.03 21.39
CA PRO A 49 2.69 -8.51 21.54
C PRO A 49 3.19 -8.24 22.95
N THR A 50 4.11 -9.10 23.41
CA THR A 50 4.68 -8.98 24.74
C THR A 50 6.19 -9.11 24.66
N ASP A 51 6.87 -8.54 25.66
CA ASP A 51 8.30 -8.73 25.85
C ASP A 51 8.60 -9.35 27.22
N GLY A 52 7.58 -9.85 27.91
CA GLY A 52 7.72 -10.49 29.18
C GLY A 52 6.37 -10.78 29.80
N PRO A 53 6.34 -11.18 31.07
CA PRO A 53 5.05 -11.41 31.73
C PRO A 53 4.28 -10.13 31.93
N ILE A 54 2.93 -10.25 31.90
CA ILE A 54 2.09 -9.08 32.08
C ILE A 54 1.84 -8.93 33.57
N SER A 55 1.61 -7.70 34.00
CA SER A 55 1.34 -7.44 35.41
C SER A 55 -0.05 -7.96 35.80
N ASN A 56 -0.31 -7.96 37.11
CA ASN A 56 -1.64 -8.34 37.59
C ASN A 56 -2.68 -7.28 37.23
N SER A 57 -2.30 -6.00 37.28
CA SER A 57 -3.21 -4.94 36.87
C SER A 57 -3.59 -5.05 35.39
N GLN A 58 -2.60 -5.41 34.56
CA GLN A 58 -2.87 -5.58 33.13
C GLN A 58 -3.78 -6.78 32.91
N LYS A 59 -3.50 -7.89 33.59
CA LYS A 59 -4.35 -9.06 33.47
C LYS A 59 -5.80 -8.72 33.84
N SER A 60 -6.00 -7.94 34.89
CA SER A 60 -7.36 -7.52 35.25
C SER A 60 -7.99 -6.67 34.15
N PHE A 61 -7.30 -5.60 33.73
CA PHE A 61 -7.81 -4.78 32.63
C PHE A 61 -8.21 -5.61 31.44
N LEU A 62 -7.38 -6.59 31.07
CA LEU A 62 -7.69 -7.40 29.90
C LEU A 62 -8.86 -8.34 30.14
N ASN A 63 -8.94 -8.94 31.32
CA ASN A 63 -10.01 -9.87 31.64
C ASN A 63 -11.32 -9.20 32.02
N SER A 64 -11.38 -7.87 31.94
CA SER A 64 -12.59 -7.08 32.18
C SER A 64 -13.00 -6.30 30.94
N LEU A 65 -12.52 -6.69 29.76
CA LEU A 65 -12.90 -6.05 28.51
C LEU A 65 -14.35 -6.40 28.18
N PRO A 66 -15.01 -5.59 27.35
CA PRO A 66 -16.41 -5.85 27.04
C PRO A 66 -16.58 -7.25 26.45
N SER A 67 -17.84 -7.69 26.42
CA SER A 67 -18.12 -9.08 26.08
C SER A 67 -17.75 -9.39 24.63
N CYS A 68 -18.11 -8.51 23.69
CA CYS A 68 -17.80 -8.78 22.28
C CYS A 68 -16.36 -8.43 21.92
N MET A 69 -15.49 -8.23 22.90
CA MET A 69 -14.08 -7.91 22.69
C MET A 69 -13.27 -8.96 23.42
N ASP A 70 -12.45 -9.71 22.68
CA ASP A 70 -11.52 -10.66 23.28
C ASP A 70 -10.09 -10.24 22.92
N TYR A 71 -9.13 -10.95 23.49
CA TYR A 71 -7.72 -10.65 23.27
C TYR A 71 -6.91 -11.93 23.18
N HIS A 72 -5.76 -11.82 22.53
CA HIS A 72 -4.82 -12.93 22.36
C HIS A 72 -3.43 -12.37 22.57
N LEU A 73 -2.68 -12.98 23.48
CA LEU A 73 -1.32 -12.54 23.80
C LEU A 73 -0.31 -13.31 22.98
N LEU A 74 0.57 -12.59 22.28
CA LEU A 74 1.59 -13.28 21.52
C LEU A 74 2.74 -13.72 22.44
N PRO A 75 3.46 -14.77 22.06
CA PRO A 75 4.59 -15.20 22.87
C PRO A 75 5.62 -14.08 22.98
N PRO A 76 6.31 -13.98 24.10
CA PRO A 76 7.19 -12.82 24.33
C PRO A 76 8.41 -12.80 23.42
N VAL A 77 8.72 -11.60 22.92
CA VAL A 77 9.95 -11.39 22.17
C VAL A 77 11.11 -11.18 23.13
N ASN A 78 12.33 -11.46 22.64
CA ASN A 78 13.56 -11.29 23.40
C ASN A 78 14.33 -10.08 22.90
N PHE A 79 14.76 -9.24 23.84
CA PHE A 79 15.50 -8.02 23.52
C PHE A 79 16.91 -8.02 24.11
N ASP A 80 17.45 -9.20 24.41
CA ASP A 80 18.79 -9.26 25.00
C ASP A 80 19.85 -8.66 24.09
N ASP A 81 19.57 -8.52 22.80
CA ASP A 81 20.55 -7.96 21.88
C ASP A 81 20.53 -6.44 21.87
N LEU A 82 19.49 -5.82 22.36
CA LEU A 82 19.38 -4.38 22.21
C LEU A 82 20.28 -3.66 23.22
N PRO A 83 20.92 -2.57 22.83
CA PRO A 83 21.69 -1.78 23.81
C PRO A 83 20.76 -1.19 24.86
N LEU A 84 21.31 -0.94 26.04
CA LEU A 84 20.49 -0.32 27.08
C LEU A 84 20.05 1.09 26.70
N ASP A 85 20.74 1.75 25.78
CA ASP A 85 20.36 3.07 25.33
C ASP A 85 19.34 3.05 24.19
N VAL A 86 18.76 1.89 23.87
CA VAL A 86 17.86 1.79 22.74
C VAL A 86 16.65 2.71 22.93
N LYS A 87 16.30 3.42 21.88
CA LYS A 87 15.12 4.29 21.92
C LYS A 87 13.85 3.46 21.82
N ILE A 88 12.79 3.96 22.46
CA ILE A 88 11.55 3.19 22.58
C ILE A 88 10.97 2.89 21.20
N GLU A 89 11.09 3.83 20.26
CA GLU A 89 10.51 3.61 18.95
C GLU A 89 11.19 2.45 18.24
N THR A 90 12.48 2.24 18.50
CA THR A 90 13.15 1.05 17.97
C THR A 90 12.62 -0.20 18.65
N ARG A 91 12.41 -0.14 19.96
CA ARG A 91 11.93 -1.30 20.70
C ARG A 91 10.54 -1.70 20.23
N ILE A 92 9.64 -0.71 20.10
CA ILE A 92 8.29 -0.97 19.63
C ILE A 92 8.31 -1.62 18.26
N SER A 93 9.03 -1.01 17.31
CA SER A 93 9.09 -1.55 15.96
C SER A 93 9.56 -3.00 15.97
N LEU A 94 10.65 -3.28 16.70
CA LEU A 94 11.18 -4.63 16.74
C LEU A 94 10.23 -5.60 17.46
N THR A 95 9.37 -5.09 18.34
CA THR A 95 8.38 -5.95 18.96
C THR A 95 7.42 -6.52 17.93
N VAL A 96 7.15 -5.78 16.86
CA VAL A 96 6.26 -6.27 15.82
C VAL A 96 6.96 -7.24 14.90
N THR A 97 8.13 -6.85 14.36
CA THR A 97 8.80 -7.73 13.40
C THR A 97 9.16 -9.07 14.03
N ARG A 98 9.65 -9.05 15.26
CA ARG A 98 10.00 -10.30 15.93
C ARG A 98 8.77 -11.07 16.40
N SER A 99 7.56 -10.52 16.24
CA SER A 99 6.33 -11.22 16.56
C SER A 99 5.55 -11.67 15.33
N LEU A 100 6.08 -11.44 14.12
CA LEU A 100 5.27 -11.66 12.92
C LEU A 100 4.92 -13.14 12.75
N SER A 101 5.82 -14.04 13.16
CA SER A 101 5.52 -15.46 13.01
C SER A 101 4.30 -15.86 13.84
N SER A 102 4.30 -15.54 15.13
CA SER A 102 3.18 -15.90 15.98
C SER A 102 1.93 -15.11 15.61
N LEU A 103 2.09 -13.86 15.19
CA LEU A 103 0.94 -13.11 14.69
C LEU A 103 0.29 -13.85 13.52
N ARG A 104 1.11 -14.34 12.59
CA ARG A 104 0.56 -15.02 11.43
C ARG A 104 -0.28 -16.22 11.85
N GLU A 105 0.21 -17.01 12.81
CA GLU A 105 -0.54 -18.18 13.26
C GLU A 105 -1.86 -17.76 13.89
N VAL A 106 -1.82 -16.75 14.77
CA VAL A 106 -3.04 -16.30 15.42
C VAL A 106 -4.01 -15.71 14.40
N PHE A 107 -3.49 -14.96 13.44
CA PHE A 107 -4.36 -14.31 12.46
C PHE A 107 -5.07 -15.34 11.59
N LYS A 108 -4.39 -16.44 11.27
CA LYS A 108 -5.04 -17.52 10.52
C LYS A 108 -6.33 -17.97 11.18
N THR A 109 -6.27 -18.29 12.48
CA THR A 109 -7.44 -18.83 13.15
C THR A 109 -8.59 -17.83 13.13
N LEU A 110 -8.26 -16.55 13.32
CA LEU A 110 -9.29 -15.52 13.30
C LEU A 110 -9.99 -15.46 11.95
N VAL A 111 -9.20 -15.44 10.87
CA VAL A 111 -9.77 -15.36 9.53
C VAL A 111 -10.62 -16.58 9.22
N ASP A 112 -10.30 -17.73 9.82
CA ASP A 112 -11.06 -18.94 9.56
C ASP A 112 -12.40 -18.93 10.29
N SER A 113 -12.44 -18.36 11.49
CA SER A 113 -13.62 -18.44 12.35
C SER A 113 -14.50 -17.20 12.29
N LYS A 114 -13.94 -16.03 11.97
CA LYS A 114 -14.67 -14.77 11.97
C LYS A 114 -14.69 -14.14 10.59
N LYS A 115 -15.63 -13.20 10.41
CA LYS A 115 -15.68 -12.36 9.21
C LYS A 115 -14.81 -11.14 9.47
N VAL A 116 -13.51 -11.32 9.30
CA VAL A 116 -12.55 -10.25 9.59
C VAL A 116 -12.61 -9.25 8.45
N VAL A 117 -12.97 -8.00 8.77
CA VAL A 117 -13.13 -6.96 7.77
C VAL A 117 -12.01 -5.94 7.80
N ALA A 118 -11.18 -5.92 8.84
CA ALA A 118 -10.11 -4.95 8.92
C ALA A 118 -9.08 -5.40 9.95
N PHE A 119 -7.83 -5.05 9.69
CA PHE A 119 -6.72 -5.24 10.63
C PHE A 119 -6.18 -3.86 10.95
N VAL A 120 -6.36 -3.44 12.21
CA VAL A 120 -6.00 -2.10 12.64
C VAL A 120 -4.72 -2.19 13.45
N VAL A 121 -3.66 -1.58 12.94
CA VAL A 121 -2.41 -1.44 13.67
C VAL A 121 -2.29 0.01 14.12
N ASP A 122 -1.32 0.29 14.98
CA ASP A 122 -1.12 1.67 15.39
C ASP A 122 0.11 2.24 14.68
N LEU A 123 0.55 3.41 15.12
CA LEU A 123 1.47 4.23 14.34
C LEU A 123 2.75 3.50 13.96
N PHE A 124 3.17 2.49 14.72
CA PHE A 124 4.42 1.81 14.47
C PHE A 124 4.23 0.34 14.08
N GLY A 125 3.07 -0.01 13.55
CA GLY A 125 2.78 -1.39 13.25
C GLY A 125 2.72 -1.72 11.78
N THR A 126 3.28 -0.86 10.93
CA THR A 126 3.10 -1.04 9.49
C THR A 126 3.68 -2.35 9.00
N ASP A 127 4.69 -2.89 9.70
CA ASP A 127 5.27 -4.15 9.27
C ASP A 127 4.30 -5.32 9.41
N ALA A 128 3.24 -5.16 10.19
CA ALA A 128 2.17 -6.15 10.23
C ALA A 128 1.25 -6.07 9.02
N PHE A 129 1.44 -5.07 8.15
CA PHE A 129 0.64 -5.01 6.94
C PHE A 129 0.80 -6.27 6.11
N ASP A 130 1.97 -6.91 6.16
CA ASP A 130 2.24 -8.03 5.27
C ASP A 130 1.33 -9.21 5.57
N VAL A 131 1.01 -9.45 6.85
CA VAL A 131 0.08 -10.53 7.17
C VAL A 131 -1.32 -10.14 6.70
N ALA A 132 -1.73 -8.90 6.93
CA ALA A 132 -3.04 -8.44 6.49
C ALA A 132 -3.19 -8.67 4.99
N ILE A 133 -2.17 -8.27 4.22
CA ILE A 133 -2.24 -8.44 2.77
C ILE A 133 -2.29 -9.92 2.41
N ASP A 134 -1.55 -10.76 3.14
CA ASP A 134 -1.49 -12.18 2.81
C ASP A 134 -2.82 -12.89 3.06
N PHE A 135 -3.66 -12.35 3.94
CA PHE A 135 -4.96 -12.93 4.23
C PHE A 135 -6.11 -12.12 3.64
N ASN A 136 -5.82 -11.16 2.77
CA ASN A 136 -6.83 -10.38 2.08
C ASN A 136 -7.72 -9.61 3.06
N VAL A 137 -7.10 -8.95 4.02
CA VAL A 137 -7.81 -8.12 4.99
C VAL A 137 -7.28 -6.70 4.86
N SER A 138 -8.19 -5.73 4.78
CA SER A 138 -7.80 -4.34 4.58
C SER A 138 -6.98 -3.86 5.78
N PRO A 139 -5.82 -3.25 5.56
CA PRO A 139 -5.03 -2.72 6.68
C PRO A 139 -5.39 -1.29 7.02
N TYR A 140 -5.45 -1.01 8.32
CA TYR A 140 -5.77 0.32 8.82
C TYR A 140 -4.76 0.72 9.89
N ILE A 141 -4.61 2.04 10.06
CA ILE A 141 -3.74 2.61 11.07
C ILE A 141 -4.57 3.42 12.05
N PHE A 142 -4.39 3.14 13.33
CA PHE A 142 -4.91 3.98 14.41
C PHE A 142 -3.77 4.87 14.89
N PHE A 143 -3.94 6.19 14.75
CA PHE A 143 -2.93 7.13 15.20
C PHE A 143 -3.32 7.65 16.58
N PRO A 144 -2.64 7.22 17.65
CA PRO A 144 -3.10 7.58 19.01
C PRO A 144 -2.75 9.00 19.45
N SER A 145 -2.09 9.79 18.61
CA SER A 145 -1.61 11.12 18.98
C SER A 145 -2.39 12.19 18.21
N THR A 146 -1.78 13.35 18.03
CA THR A 146 -2.43 14.52 17.48
C THR A 146 -2.55 14.43 15.96
N ALA A 147 -3.46 15.24 15.42
CA ALA A 147 -3.52 15.39 13.97
C ALA A 147 -2.26 16.08 13.44
N MET A 148 -1.71 17.03 14.20
CA MET A 148 -0.43 17.63 13.82
C MET A 148 0.65 16.57 13.71
N ALA A 149 0.74 15.68 14.70
CA ALA A 149 1.73 14.59 14.61
C ALA A 149 1.45 13.68 13.42
N LEU A 150 0.18 13.38 13.15
CA LEU A 150 -0.16 12.56 12.00
C LEU A 150 0.24 13.25 10.70
N SER A 151 0.01 14.56 10.60
CA SER A 151 0.47 15.28 9.42
C SER A 151 1.98 15.18 9.28
N LEU A 152 2.71 15.28 10.39
CA LEU A 152 4.16 15.19 10.32
C LEU A 152 4.61 13.83 9.81
N PHE A 153 3.97 12.76 10.26
CA PHE A 153 4.31 11.42 9.75
C PHE A 153 4.14 11.36 8.25
N LEU A 154 2.98 11.78 7.74
CA LEU A 154 2.74 11.76 6.30
C LEU A 154 3.72 12.67 5.56
N TYR A 155 4.14 13.76 6.19
CA TYR A 155 5.05 14.71 5.59
C TYR A 155 6.51 14.28 5.68
N LEU A 156 6.84 13.36 6.58
CA LEU A 156 8.24 13.08 6.87
C LEU A 156 9.02 12.56 5.66
N PRO A 157 8.50 11.65 4.83
CA PRO A 157 9.29 11.24 3.65
C PRO A 157 9.71 12.43 2.78
N LYS A 158 8.83 13.40 2.58
CA LYS A 158 9.21 14.60 1.84
C LYS A 158 10.20 15.44 2.63
N LEU A 159 9.88 15.73 3.90
CA LEU A 159 10.78 16.50 4.76
C LEU A 159 12.18 15.90 4.80
N ASP A 160 12.26 14.58 5.01
CA ASP A 160 13.55 13.90 5.05
C ASP A 160 14.35 14.14 3.79
N ALA A 161 13.67 14.33 2.66
CA ALA A 161 14.33 14.53 1.39
C ALA A 161 14.57 16.00 1.07
N THR A 162 13.87 16.92 1.74
CA THR A 162 14.11 18.33 1.51
C THR A 162 15.26 18.88 2.33
N VAL A 163 15.60 18.25 3.45
CA VAL A 163 16.65 18.73 4.35
C VAL A 163 17.38 17.51 4.90
N SER A 164 18.71 17.55 4.92
CA SER A 164 19.49 16.45 5.44
C SER A 164 20.17 16.74 6.77
N CYS A 165 20.24 18.01 7.18
CA CYS A 165 20.78 18.38 8.48
C CYS A 165 19.81 18.00 9.61
N GLU A 166 20.35 17.89 10.82
CA GLU A 166 19.51 17.61 11.99
C GLU A 166 18.49 18.74 12.17
N TYR A 167 17.23 18.36 12.38
CA TYR A 167 16.15 19.35 12.39
C TYR A 167 16.37 20.45 13.41
N ARG A 168 17.03 20.16 14.54
CA ARG A 168 17.29 21.21 15.51
C ARG A 168 18.10 22.34 14.90
N ASP A 169 19.01 22.03 13.99
CA ASP A 169 19.88 23.05 13.43
C ASP A 169 19.22 23.88 12.33
N LEU A 170 17.93 23.67 12.06
CA LEU A 170 17.25 24.48 11.06
C LEU A 170 16.96 25.86 11.63
N PRO A 171 17.40 26.94 11.00
CA PRO A 171 17.13 28.26 11.60
C PRO A 171 15.65 28.58 11.66
N ASP A 172 14.91 28.29 10.58
CA ASP A 172 13.52 28.71 10.40
C ASP A 172 12.57 27.60 10.80
N PRO A 173 11.36 27.94 11.24
CA PRO A 173 10.42 26.91 11.68
C PRO A 173 9.97 26.02 10.55
N ILE A 174 9.74 24.75 10.89
CA ILE A 174 9.30 23.76 9.91
C ILE A 174 7.80 23.91 9.72
N GLN A 175 7.37 23.91 8.46
CA GLN A 175 5.96 24.11 8.14
C GLN A 175 5.37 22.76 7.77
N ILE A 176 4.65 22.16 8.71
CA ILE A 176 3.94 20.90 8.45
C ILE A 176 2.62 21.27 7.79
N PRO A 177 2.20 20.57 6.74
CA PRO A 177 0.95 20.94 6.07
C PRO A 177 -0.20 21.11 7.03
N GLY A 178 -0.84 22.28 6.99
CA GLY A 178 -2.00 22.58 7.79
C GLY A 178 -1.74 22.90 9.24
N CYS A 179 -0.48 22.90 9.68
CA CYS A 179 -0.16 23.07 11.09
C CYS A 179 0.48 24.43 11.36
N ILE A 180 0.48 24.82 12.62
CA ILE A 180 1.22 25.99 13.06
C ILE A 180 2.71 25.75 12.81
N PRO A 181 3.49 26.76 12.46
CA PRO A 181 4.93 26.53 12.33
C PRO A 181 5.51 26.10 13.68
N ILE A 182 6.50 25.21 13.61
CA ILE A 182 7.15 24.67 14.81
C ILE A 182 8.64 24.56 14.53
N HIS A 183 9.44 24.87 15.54
CA HIS A 183 10.88 24.78 15.41
C HIS A 183 11.32 23.32 15.45
N GLY A 184 12.42 23.03 14.76
CA GLY A 184 12.90 21.65 14.68
C GLY A 184 13.22 21.08 16.05
N LYS A 185 13.72 21.91 16.95
CA LYS A 185 14.04 21.46 18.31
C LYS A 185 12.81 20.93 19.04
N ASP A 186 11.62 21.32 18.63
CA ASP A 186 10.38 20.90 19.28
C ASP A 186 9.73 19.70 18.60
N LEU A 187 10.29 19.22 17.49
CA LEU A 187 9.77 18.01 16.86
C LEU A 187 9.95 16.80 17.78
N LEU A 188 9.13 15.79 17.56
CA LEU A 188 9.10 14.63 18.45
C LEU A 188 10.48 13.99 18.58
N ASP A 189 10.71 13.39 19.74
CA ASP A 189 12.04 12.85 20.07
C ASP A 189 12.64 11.97 18.97
N PRO A 190 11.95 10.99 18.40
CA PRO A 190 12.62 10.06 17.47
C PRO A 190 13.11 10.70 16.17
N VAL A 191 12.88 11.99 15.93
CA VAL A 191 13.46 12.68 14.77
C VAL A 191 14.55 13.64 15.19
N GLN A 192 14.92 13.67 16.48
CA GLN A 192 15.96 14.57 16.94
C GLN A 192 17.36 14.05 16.69
N ASP A 193 17.52 12.76 16.41
CA ASP A 193 18.83 12.20 16.06
C ASP A 193 18.65 11.37 14.78
N ARG A 194 18.95 11.98 13.62
CA ARG A 194 18.74 11.33 12.34
C ARG A 194 19.64 10.14 12.12
N LYS A 195 20.64 9.93 12.97
CA LYS A 195 21.56 8.82 12.84
C LYS A 195 21.15 7.62 13.68
N ASN A 196 20.13 7.77 14.52
CA ASN A 196 19.66 6.70 15.39
C ASN A 196 18.70 5.79 14.65
N GLU A 197 18.70 4.50 15.04
CA GLU A 197 17.75 3.56 14.46
C GLU A 197 16.32 4.05 14.61
N ALA A 198 16.04 4.84 15.65
CA ALA A 198 14.67 5.30 15.87
C ALA A 198 14.17 6.15 14.70
N TYR A 199 15.02 7.04 14.18
CA TYR A 199 14.59 7.84 13.04
C TYR A 199 14.41 6.96 11.80
N ARG A 200 15.30 5.98 11.64
CA ARG A 200 15.18 5.05 10.51
C ARG A 200 13.87 4.28 10.59
N TRP A 201 13.51 3.79 11.77
CA TRP A 201 12.23 3.10 11.92
C TRP A 201 11.08 4.03 11.63
N LEU A 202 11.18 5.29 12.03
CA LEU A 202 10.07 6.21 11.82
C LEU A 202 9.89 6.49 10.33
N LEU A 203 11.00 6.69 9.61
CA LEU A 203 10.92 6.85 8.17
C LEU A 203 10.37 5.59 7.51
N HIS A 204 10.80 4.42 7.97
CA HIS A 204 10.30 3.17 7.42
C HIS A 204 8.78 3.14 7.47
N HIS A 205 8.21 3.32 8.66
CA HIS A 205 6.76 3.26 8.83
C HIS A 205 6.06 4.36 8.04
N SER A 206 6.57 5.59 8.12
CA SER A 206 5.85 6.72 7.51
C SER A 206 5.78 6.55 5.99
N LYS A 207 6.82 5.99 5.38
CA LYS A 207 6.76 5.72 3.94
C LYS A 207 5.70 4.69 3.61
N ARG A 208 5.35 3.83 4.56
CA ARG A 208 4.39 2.75 4.34
C ARG A 208 2.96 3.14 4.71
N TYR A 209 2.74 4.37 5.20
CA TYR A 209 1.40 4.83 5.50
C TYR A 209 0.51 4.85 4.27
N ARG A 210 1.12 4.95 3.08
CA ARG A 210 0.35 4.92 1.85
C ARG A 210 -0.31 3.57 1.61
N MET A 211 0.20 2.50 2.22
CA MET A 211 -0.42 1.19 2.06
C MET A 211 -1.70 1.04 2.87
N ALA A 212 -1.92 1.90 3.85
CA ALA A 212 -3.11 1.78 4.68
C ALA A 212 -4.34 2.21 3.90
N GLU A 213 -5.44 1.47 4.10
CA GLU A 213 -6.72 1.88 3.52
C GLU A 213 -7.32 3.08 4.24
N GLY A 214 -6.89 3.34 5.48
CA GLY A 214 -7.37 4.50 6.21
C GLY A 214 -6.57 4.71 7.47
N VAL A 215 -6.72 5.89 8.04
CA VAL A 215 -6.05 6.25 9.29
C VAL A 215 -7.09 6.85 10.24
N VAL A 216 -7.18 6.29 11.44
CA VAL A 216 -8.09 6.78 12.46
C VAL A 216 -7.29 7.72 13.36
N SER A 217 -7.74 8.96 13.45
CA SER A 217 -7.06 10.01 14.21
C SER A 217 -7.79 10.30 15.51
N ASN A 218 -7.05 10.26 16.62
CA ASN A 218 -7.61 10.57 17.94
C ASN A 218 -7.60 12.08 18.19
N SER A 219 -8.36 12.79 17.37
CA SER A 219 -8.53 14.23 17.48
C SER A 219 -9.89 14.59 16.91
N PHE A 220 -10.25 15.87 16.99
CA PHE A 220 -11.47 16.37 16.40
C PHE A 220 -11.22 17.80 15.89
N LYS A 221 -12.17 18.29 15.08
CA LYS A 221 -11.93 19.50 14.30
C LYS A 221 -11.81 20.74 15.18
N GLU A 222 -12.65 20.87 16.21
CA GLU A 222 -12.54 22.03 17.09
C GLU A 222 -11.19 22.09 17.78
N LEU A 223 -10.48 20.98 17.86
CA LEU A 223 -9.17 20.93 18.50
C LEU A 223 -8.03 21.18 17.52
N GLU A 224 -8.12 20.63 16.30
CA GLU A 224 -7.06 20.76 15.30
C GLU A 224 -7.67 20.91 13.91
N GLY A 225 -8.40 21.99 13.69
CA GLY A 225 -9.04 22.19 12.41
C GLY A 225 -8.07 22.38 11.27
N GLY A 226 -6.93 23.00 11.54
CA GLY A 226 -5.92 23.19 10.53
C GLY A 226 -5.38 21.87 10.02
N PRO A 227 -4.77 21.08 10.90
CA PRO A 227 -4.22 19.79 10.48
C PRO A 227 -5.25 18.84 9.87
N ILE A 228 -6.43 18.74 10.49
CA ILE A 228 -7.46 17.83 9.97
C ILE A 228 -7.87 18.24 8.56
N LYS A 229 -8.00 19.55 8.33
CA LYS A 229 -8.36 20.02 7.00
C LYS A 229 -7.31 19.63 5.97
N ALA A 230 -6.02 19.80 6.32
CA ALA A 230 -4.97 19.40 5.40
C ALA A 230 -4.94 17.89 5.23
N LEU A 231 -5.21 17.14 6.29
CA LEU A 231 -5.14 15.68 6.21
C LEU A 231 -6.24 15.11 5.34
N GLN A 232 -7.41 15.74 5.30
CA GLN A 232 -8.54 15.19 4.55
C GLN A 232 -8.54 15.63 3.09
N GLU A 233 -7.64 16.53 2.70
CA GLU A 233 -7.48 16.86 1.29
C GLU A 233 -6.92 15.64 0.56
N GLU A 234 -7.65 15.14 -0.43
CA GLU A 234 -7.27 13.93 -1.13
C GLU A 234 -6.00 14.11 -1.94
N GLU A 235 -5.16 13.06 -1.94
CA GLU A 235 -3.91 13.02 -2.70
C GLU A 235 -3.62 11.55 -3.00
N PRO A 236 -3.26 11.19 -4.23
CA PRO A 236 -2.83 9.81 -4.49
C PRO A 236 -1.70 9.42 -3.57
N GLY A 237 -1.81 8.22 -2.98
CA GLY A 237 -0.85 7.76 -2.01
C GLY A 237 -1.09 8.24 -0.60
N LYS A 238 -2.17 8.99 -0.38
CA LYS A 238 -2.51 9.53 0.93
C LYS A 238 -3.79 8.87 1.41
N PRO A 239 -3.77 8.11 2.51
CA PRO A 239 -4.99 7.41 2.90
C PRO A 239 -6.04 8.39 3.43
N PRO A 240 -7.31 8.05 3.34
CA PRO A 240 -8.33 8.88 4.00
C PRO A 240 -8.10 8.86 5.51
N VAL A 241 -8.47 9.96 6.16
CA VAL A 241 -8.26 10.15 7.59
C VAL A 241 -9.61 10.35 8.25
N TYR A 242 -9.88 9.56 9.30
CA TYR A 242 -11.12 9.65 10.05
C TYR A 242 -10.85 10.18 11.45
N PRO A 243 -11.10 11.46 11.73
CA PRO A 243 -10.95 11.95 13.10
C PRO A 243 -12.18 11.63 13.94
N VAL A 244 -11.99 10.78 14.95
CA VAL A 244 -13.07 10.23 15.74
C VAL A 244 -12.93 10.56 17.23
N GLY A 245 -11.97 11.39 17.60
CA GLY A 245 -11.72 11.71 18.99
C GLY A 245 -12.74 12.69 19.53
N PRO A 246 -12.65 12.94 20.85
CA PRO A 246 -11.68 12.40 21.82
C PRO A 246 -12.03 10.99 22.28
N LEU A 247 -11.10 10.06 22.12
CA LEU A 247 -11.26 8.69 22.58
C LEU A 247 -10.49 8.57 23.90
N ILE A 248 -11.21 8.77 25.01
CA ILE A 248 -10.61 8.70 26.34
C ILE A 248 -11.49 7.77 27.15
N GLN A 249 -10.93 7.15 28.16
CA GLN A 249 -11.78 6.39 29.09
C GLN A 249 -12.66 7.39 29.81
N MET A 250 -13.90 7.54 29.37
CA MET A 250 -14.81 8.53 29.94
C MET A 250 -15.64 7.82 31.01
N ASP A 251 -15.72 8.43 32.17
CA ASP A 251 -16.29 7.82 33.36
C ASP A 251 -17.69 8.39 33.59
N SER A 252 -18.39 7.85 34.59
CA SER A 252 -19.73 8.31 34.91
C SER A 252 -19.75 8.90 36.32
N ASP A 257 -11.00 3.60 45.73
CA ASP A 257 -9.92 4.58 45.80
C ASP A 257 -9.03 4.25 47.00
N GLY A 258 -8.00 3.45 46.75
CA GLY A 258 -7.04 3.10 47.78
C GLY A 258 -6.06 4.19 48.10
N SER A 259 -5.97 5.21 47.24
CA SER A 259 -5.07 6.33 47.48
C SER A 259 -5.71 7.43 48.31
N GLY A 260 -7.02 7.39 48.50
CA GLY A 260 -7.70 8.45 49.23
C GLY A 260 -7.64 9.79 48.54
N CYS A 261 -7.20 9.82 47.29
CA CYS A 261 -7.14 11.07 46.55
C CYS A 261 -8.50 11.73 46.47
N LEU A 262 -9.51 10.97 46.06
CA LEU A 262 -10.82 11.57 45.82
C LEU A 262 -11.50 11.99 47.11
N THR A 263 -11.26 11.26 48.21
CA THR A 263 -11.77 11.70 49.50
C THR A 263 -11.12 13.01 49.92
N TRP A 264 -9.81 13.14 49.68
CA TRP A 264 -9.14 14.41 49.96
C TRP A 264 -9.73 15.53 49.13
N LEU A 265 -9.89 15.30 47.82
CA LEU A 265 -10.50 16.30 46.95
C LEU A 265 -11.89 16.70 47.42
N ASP A 266 -12.62 15.79 48.06
CA ASP A 266 -13.94 16.12 48.58
C ASP A 266 -13.88 17.19 49.66
N GLU A 267 -12.72 17.35 50.30
CA GLU A 267 -12.56 18.32 51.38
C GLU A 267 -12.03 19.66 50.88
N GLN A 268 -11.85 19.81 49.57
CA GLN A 268 -11.26 21.03 49.02
C GLN A 268 -12.32 21.83 48.29
N PRO A 269 -12.17 23.15 48.21
CA PRO A 269 -13.17 23.95 47.49
C PRO A 269 -13.10 23.67 46.00
N ARG A 270 -14.07 24.21 45.27
CA ARG A 270 -14.24 23.88 43.86
C ARG A 270 -13.24 24.64 43.01
N GLY A 271 -12.65 23.94 42.05
CA GLY A 271 -11.70 24.55 41.14
C GLY A 271 -10.48 25.13 41.81
N SER A 272 -10.04 24.55 42.94
CA SER A 272 -8.98 25.12 43.74
C SER A 272 -7.69 24.31 43.73
N VAL A 273 -7.71 23.07 43.27
CA VAL A 273 -6.57 22.17 43.37
C VAL A 273 -5.85 22.09 42.03
N LEU A 274 -4.54 22.30 42.05
CA LEU A 274 -3.69 22.03 40.89
C LEU A 274 -3.25 20.58 40.92
N TYR A 275 -3.73 19.79 39.96
CA TYR A 275 -3.25 18.43 39.77
C TYR A 275 -1.92 18.45 39.02
N VAL A 276 -0.98 17.63 39.48
CA VAL A 276 0.38 17.61 38.94
C VAL A 276 0.79 16.18 38.64
N SER A 277 1.01 15.89 37.35
CA SER A 277 1.53 14.59 36.95
C SER A 277 2.45 14.78 35.75
N TYR A 278 3.66 14.23 35.84
CA TYR A 278 4.64 14.32 34.76
C TYR A 278 4.67 13.05 33.91
N GLY A 279 3.58 12.30 33.91
CA GLY A 279 3.46 11.12 33.09
C GLY A 279 3.98 9.85 33.75
N SER A 280 3.74 8.73 33.07
CA SER A 280 4.21 7.44 33.56
C SER A 280 5.71 7.26 33.36
N GLY A 281 6.27 7.84 32.30
CA GLY A 281 7.67 7.68 32.00
C GLY A 281 8.47 8.95 32.21
N GLY A 282 7.77 10.05 32.50
CA GLY A 282 8.46 11.32 32.67
C GLY A 282 9.28 11.31 33.95
N THR A 283 10.53 11.75 33.84
CA THR A 283 11.39 11.89 35.01
C THR A 283 12.04 13.27 34.96
N LEU A 284 12.25 13.83 36.14
CA LEU A 284 12.90 15.11 36.31
C LEU A 284 14.24 14.89 36.99
N SER A 285 15.17 15.81 36.78
CA SER A 285 16.37 15.80 37.60
C SER A 285 15.94 16.06 39.03
N HIS A 286 16.70 15.52 39.99
CA HIS A 286 16.36 15.79 41.39
C HIS A 286 16.34 17.29 41.64
N GLU A 287 17.32 18.02 41.09
CA GLU A 287 17.34 19.47 41.20
C GLU A 287 16.01 20.06 40.76
N GLN A 288 15.55 19.68 39.56
CA GLN A 288 14.28 20.20 39.06
C GLN A 288 13.14 19.81 39.97
N LEU A 289 13.16 18.57 40.48
CA LEU A 289 12.13 18.13 41.42
C LEU A 289 12.08 19.04 42.64
N ILE A 290 13.25 19.43 43.15
CA ILE A 290 13.29 20.33 44.31
C ILE A 290 12.61 21.65 43.97
N GLU A 291 12.92 22.22 42.79
CA GLU A 291 12.31 23.48 42.42
C GLU A 291 10.80 23.34 42.24
N VAL A 292 10.33 22.19 41.76
CA VAL A 292 8.89 21.97 41.61
C VAL A 292 8.22 21.93 42.97
N ALA A 293 8.75 21.13 43.90
CA ALA A 293 8.19 21.08 45.24
C ALA A 293 8.20 22.46 45.88
N SER A 294 9.35 23.12 45.86
CA SER A 294 9.47 24.46 46.42
C SER A 294 8.56 25.44 45.68
N GLY A 295 8.46 25.31 44.36
CA GLY A 295 7.57 26.18 43.61
C GLY A 295 6.12 26.02 43.99
N LEU A 296 5.70 24.77 44.24
CA LEU A 296 4.31 24.53 44.65
C LEU A 296 4.03 25.15 46.01
N GLU A 297 4.99 25.08 46.92
CA GLU A 297 4.82 25.70 48.22
C GLU A 297 4.74 27.23 48.11
N MET A 298 5.61 27.84 47.30
CA MET A 298 5.58 29.29 47.16
C MET A 298 4.30 29.76 46.48
N SER A 299 3.68 28.92 45.65
CA SER A 299 2.45 29.31 44.98
C SER A 299 1.31 29.53 45.97
N GLU A 300 1.36 28.88 47.12
CA GLU A 300 0.34 28.94 48.16
C GLU A 300 -0.99 28.33 47.73
N GLN A 301 -1.01 27.59 46.62
CA GLN A 301 -2.20 26.94 46.10
C GLN A 301 -2.30 25.48 46.58
N ARG A 302 -3.52 24.96 46.53
CA ARG A 302 -3.73 23.54 46.81
C ARG A 302 -3.24 22.73 45.63
N PHE A 303 -2.66 21.56 45.92
CA PHE A 303 -2.15 20.71 44.85
C PHE A 303 -2.30 19.24 45.21
N LEU A 304 -2.48 18.42 44.18
CA LEU A 304 -2.43 16.97 44.27
C LEU A 304 -1.35 16.52 43.30
N TRP A 305 -0.25 15.99 43.82
CA TRP A 305 0.95 15.75 43.02
C TRP A 305 1.24 14.26 43.04
N VAL A 306 1.13 13.62 41.88
CA VAL A 306 1.52 12.23 41.72
C VAL A 306 3.02 12.27 41.42
N ILE A 307 3.84 11.96 42.41
CA ILE A 307 5.28 12.13 42.30
C ILE A 307 5.94 10.79 42.04
N ARG A 308 6.96 10.81 41.18
CA ARG A 308 7.78 9.65 40.88
C ARG A 308 9.23 10.02 41.16
N CYS A 309 10.06 9.00 41.35
CA CYS A 309 11.46 9.23 41.68
C CYS A 309 12.16 10.04 40.60
N PRO A 310 13.13 10.87 40.98
CA PRO A 310 13.89 11.63 39.99
C PRO A 310 14.91 10.74 39.30
N ASN A 311 15.45 11.25 38.19
CA ASN A 311 16.42 10.47 37.41
C ASN A 311 17.83 10.51 37.97
N ASP A 312 18.07 11.23 39.06
CA ASP A 312 19.40 11.34 39.66
C ASP A 312 19.22 11.95 41.05
N THR A 313 20.33 12.12 41.77
CA THR A 313 20.31 12.65 43.13
C THR A 313 21.23 13.86 43.22
N VAL A 314 20.79 14.87 43.97
CA VAL A 314 21.58 16.07 44.22
C VAL A 314 22.66 15.73 45.24
N ALA A 315 23.77 16.47 45.19
CA ALA A 315 24.90 16.18 46.06
C ALA A 315 24.73 16.68 47.49
N ASN A 316 23.68 17.46 47.78
CA ASN A 316 23.50 17.96 49.13
C ASN A 316 23.39 16.81 50.12
N ALA A 317 23.96 17.02 51.31
CA ALA A 317 24.01 15.96 52.32
C ALA A 317 22.62 15.53 52.79
N THR A 318 21.62 16.41 52.64
CA THR A 318 20.29 16.09 53.16
C THR A 318 19.73 14.82 52.53
N TYR A 319 20.21 14.46 51.35
CA TYR A 319 19.73 13.28 50.63
C TYR A 319 20.85 12.26 50.45
N PHE A 320 21.79 12.21 51.39
CA PHE A 320 22.90 11.26 51.28
C PHE A 320 22.45 9.85 51.61
N ASN A 321 21.51 9.71 52.56
CA ASN A 321 21.06 8.39 52.96
C ASN A 321 19.99 7.84 52.02
N VAL A 322 19.36 8.68 51.21
CA VAL A 322 18.33 8.26 50.27
C VAL A 322 18.83 8.31 48.82
N GLN A 323 20.14 8.35 48.59
CA GLN A 323 20.64 8.45 47.22
C GLN A 323 20.18 7.29 46.36
N ASP A 324 20.03 6.12 46.97
CA ASP A 324 19.60 4.91 46.27
C ASP A 324 18.14 4.57 46.52
N SER A 325 17.40 5.48 47.15
CA SER A 325 16.01 5.21 47.48
C SER A 325 15.14 5.08 46.24
N THR A 326 14.13 4.22 46.34
CA THR A 326 13.11 4.08 45.32
C THR A 326 11.78 4.72 45.73
N ASN A 327 11.67 5.21 46.97
CA ASN A 327 10.51 5.95 47.45
C ASN A 327 10.56 7.39 46.96
N PRO A 328 9.63 7.81 46.08
CA PRO A 328 9.70 9.19 45.58
C PRO A 328 9.62 10.26 46.65
N LEU A 329 8.93 9.98 47.76
CA LEU A 329 8.76 11.00 48.80
C LEU A 329 10.07 11.35 49.50
N ASP A 330 11.08 10.49 49.43
CA ASP A 330 12.37 10.74 50.05
C ASP A 330 13.20 11.83 49.36
N PHE A 331 12.82 12.26 48.17
CA PHE A 331 13.58 13.27 47.43
C PHE A 331 13.01 14.68 47.59
N LEU A 332 11.94 14.83 48.37
CA LEU A 332 11.35 16.13 48.63
C LEU A 332 12.24 16.91 49.61
N PRO A 333 12.16 18.24 49.61
CA PRO A 333 12.88 19.01 50.64
C PRO A 333 12.39 18.60 52.03
N LYS A 334 13.32 18.51 52.98
CA LYS A 334 12.94 18.08 54.32
C LYS A 334 11.93 19.05 54.92
N GLY A 335 10.87 18.50 55.49
CA GLY A 335 9.79 19.27 56.05
C GLY A 335 8.74 19.72 55.05
N PHE A 336 8.97 19.47 53.76
CA PHE A 336 8.01 19.90 52.74
C PHE A 336 6.63 19.30 53.01
N LEU A 337 6.58 18.00 53.29
CA LEU A 337 5.29 17.36 53.53
C LEU A 337 4.61 17.90 54.78
N GLU A 338 5.36 17.99 55.89
CA GLU A 338 4.80 18.58 57.10
C GLU A 338 4.23 19.97 56.84
N ARG A 339 4.94 20.79 56.08
CA ARG A 339 4.56 22.18 55.90
C ARG A 339 3.36 22.33 54.98
N THR A 340 3.14 21.38 54.08
CA THR A 340 2.09 21.49 53.07
C THR A 340 0.93 20.55 53.34
N LYS A 341 0.93 19.88 54.50
CA LYS A 341 -0.06 18.83 54.74
C LYS A 341 -1.48 19.36 54.57
N GLY A 342 -1.71 20.61 54.96
CA GLY A 342 -3.06 21.15 54.85
C GLY A 342 -3.44 21.50 53.43
N LEU A 343 -2.49 22.01 52.64
CA LEU A 343 -2.79 22.49 51.31
C LEU A 343 -2.60 21.44 50.21
N GLY A 344 -1.67 20.52 50.41
CA GLY A 344 -1.24 19.64 49.33
C GLY A 344 -1.27 18.19 49.73
N LEU A 345 -1.65 17.35 48.76
CA LEU A 345 -1.59 15.89 48.90
C LEU A 345 -0.58 15.39 47.88
N VAL A 346 0.43 14.68 48.35
CA VAL A 346 1.44 14.07 47.48
C VAL A 346 1.20 12.57 47.48
N VAL A 347 0.91 12.02 46.32
CA VAL A 347 0.64 10.60 46.16
C VAL A 347 1.81 9.98 45.39
N PRO A 348 2.36 8.88 45.84
CA PRO A 348 3.54 8.34 45.14
C PRO A 348 3.21 7.40 43.98
N ASN A 349 3.81 7.65 42.82
CA ASN A 349 3.89 6.73 41.70
C ASN A 349 2.65 6.64 40.80
N TRP A 350 1.45 6.53 41.37
N TRP A 350 1.46 6.55 41.38
CA TRP A 350 0.25 6.42 40.54
CA TRP A 350 0.27 6.46 40.55
C TRP A 350 -0.93 7.03 41.28
C TRP A 350 -0.92 7.05 41.29
N ALA A 351 -1.87 7.58 40.52
CA ALA A 351 -3.06 8.20 41.05
C ALA A 351 -4.23 7.92 40.11
N PRO A 352 -5.48 7.98 40.60
CA PRO A 352 -6.65 7.81 39.74
C PRO A 352 -6.92 9.06 38.90
N GLN A 353 -6.12 9.22 37.86
CA GLN A 353 -6.11 10.46 37.10
C GLN A 353 -7.51 10.79 36.56
N ALA A 354 -8.06 9.91 35.74
CA ALA A 354 -9.36 10.18 35.12
C ALA A 354 -10.37 10.70 36.13
N GLN A 355 -10.44 10.08 37.30
CA GLN A 355 -11.35 10.54 38.33
C GLN A 355 -10.91 11.85 38.96
N ILE A 356 -9.59 12.08 39.05
CA ILE A 356 -9.11 13.34 39.60
C ILE A 356 -9.48 14.49 38.67
N LEU A 357 -9.28 14.32 37.36
CA LEU A 357 -9.62 15.35 36.40
C LEU A 357 -11.13 15.55 36.27
N SER A 358 -11.93 14.57 36.69
CA SER A 358 -13.38 14.73 36.70
C SER A 358 -13.89 15.38 37.98
N HIS A 359 -13.09 15.38 39.05
CA HIS A 359 -13.52 15.94 40.32
C HIS A 359 -13.67 17.45 40.20
N GLY A 360 -14.70 17.99 40.86
CA GLY A 360 -15.00 19.42 40.75
C GLY A 360 -13.98 20.31 41.43
N SER A 361 -13.27 19.79 42.42
CA SER A 361 -12.23 20.56 43.12
C SER A 361 -10.98 20.75 42.28
N THR A 362 -10.82 20.02 41.18
CA THR A 362 -9.66 20.17 40.32
C THR A 362 -9.88 21.35 39.38
N GLY A 363 -9.00 22.35 39.46
CA GLY A 363 -9.11 23.52 38.61
C GLY A 363 -7.92 23.73 37.69
N GLY A 364 -6.94 22.84 37.76
CA GLY A 364 -5.76 22.96 36.92
C GLY A 364 -4.97 21.66 36.87
N PHE A 365 -4.18 21.53 35.80
CA PHE A 365 -3.40 20.30 35.56
C PHE A 365 -2.05 20.69 35.01
N LEU A 366 -1.01 20.53 35.83
CA LEU A 366 0.37 20.63 35.34
C LEU A 366 0.75 19.28 34.75
N THR A 367 0.79 19.20 33.43
CA THR A 367 0.92 17.95 32.70
C THR A 367 2.17 17.95 31.83
N HIS A 368 2.66 16.75 31.52
CA HIS A 368 3.73 16.56 30.56
C HIS A 368 3.22 16.55 29.12
N CYS A 369 1.91 16.74 28.93
CA CYS A 369 1.27 16.91 27.63
C CYS A 369 1.21 15.62 26.81
N GLY A 370 1.27 14.46 27.46
CA GLY A 370 0.89 13.24 26.77
C GLY A 370 -0.53 13.38 26.24
N TRP A 371 -0.78 12.82 25.05
CA TRP A 371 -2.04 13.09 24.38
C TRP A 371 -3.22 12.50 25.16
N ASN A 372 -3.04 11.32 25.76
CA ASN A 372 -4.15 10.76 26.53
C ASN A 372 -4.47 11.66 27.74
N SER A 373 -3.44 12.12 28.44
CA SER A 373 -3.66 13.05 29.55
C SER A 373 -4.28 14.35 29.05
N THR A 374 -3.78 14.86 27.94
CA THR A 374 -4.32 16.11 27.39
C THR A 374 -5.80 15.96 27.06
N LEU A 375 -6.18 14.86 26.41
CA LEU A 375 -7.56 14.67 26.02
C LEU A 375 -8.46 14.50 27.24
N GLU A 376 -7.97 13.78 28.25
CA GLU A 376 -8.77 13.63 29.47
C GLU A 376 -9.01 14.98 30.11
N SER A 377 -8.00 15.85 30.10
CA SER A 377 -8.15 17.19 30.67
C SER A 377 -9.08 18.04 29.82
N VAL A 378 -9.07 17.85 28.50
CA VAL A 378 -9.94 18.62 27.62
C VAL A 378 -11.40 18.20 27.81
N VAL A 379 -11.65 16.89 27.93
CA VAL A 379 -13.01 16.42 28.09
C VAL A 379 -13.63 16.91 29.39
N HIS A 380 -12.79 17.18 30.40
CA HIS A 380 -13.27 17.65 31.69
C HIS A 380 -13.04 19.14 31.90
N GLY A 381 -12.52 19.84 30.89
CA GLY A 381 -12.40 21.28 30.94
C GLY A 381 -11.39 21.82 31.93
N VAL A 382 -10.33 21.08 32.22
CA VAL A 382 -9.33 21.51 33.19
C VAL A 382 -8.22 22.24 32.44
N PRO A 383 -7.99 23.52 32.71
CA PRO A 383 -6.89 24.23 32.06
C PRO A 383 -5.54 23.64 32.45
N LEU A 384 -4.51 23.98 31.67
CA LEU A 384 -3.25 23.25 31.75
C LEU A 384 -2.04 24.16 31.95
N ILE A 385 -1.03 23.61 32.61
CA ILE A 385 0.33 24.12 32.59
C ILE A 385 1.16 23.08 31.84
N ALA A 386 1.72 23.47 30.70
CA ALA A 386 2.40 22.54 29.81
C ALA A 386 3.85 22.40 30.23
N TRP A 387 4.27 21.16 30.48
CA TRP A 387 5.65 20.85 30.88
C TRP A 387 6.11 19.63 30.09
N PRO A 388 6.29 19.77 28.77
CA PRO A 388 6.63 18.61 27.94
C PRO A 388 7.97 18.00 28.31
N LEU A 389 8.07 16.67 28.17
CA LEU A 389 9.29 15.96 28.53
C LEU A 389 9.86 15.09 27.41
N TYR A 390 9.05 14.22 26.80
CA TYR A 390 9.57 13.27 25.85
C TYR A 390 8.55 13.01 24.73
N ALA A 391 8.93 12.13 23.80
CA ALA A 391 8.06 11.68 22.70
C ALA A 391 7.64 12.91 21.89
N GLU A 392 6.36 13.08 21.58
CA GLU A 392 5.86 14.22 20.82
C GLU A 392 5.31 15.32 21.71
N GLN A 393 5.64 15.29 23.01
CA GLN A 393 5.03 16.20 23.96
C GLN A 393 5.40 17.66 23.72
N LYS A 394 6.60 17.92 23.20
CA LYS A 394 6.97 19.30 22.88
C LYS A 394 6.10 19.85 21.75
N MET A 395 5.80 19.04 20.74
CA MET A 395 4.86 19.47 19.71
C MET A 395 3.48 19.74 20.29
N ASN A 396 3.03 18.88 21.20
CA ASN A 396 1.71 19.06 21.81
C ASN A 396 1.68 20.34 22.64
N ALA A 397 2.74 20.60 23.40
CA ALA A 397 2.78 21.82 24.19
C ALA A 397 2.62 23.05 23.31
N VAL A 398 3.29 23.07 22.16
CA VAL A 398 3.25 24.24 21.29
C VAL A 398 1.81 24.52 20.85
N MET A 399 1.12 23.51 20.32
CA MET A 399 -0.25 23.76 19.87
C MET A 399 -1.16 24.10 21.04
N LEU A 400 -0.90 23.52 22.22
CA LEU A 400 -1.73 23.80 23.38
C LEU A 400 -1.51 25.22 23.89
N THR A 401 -0.27 25.70 23.81
CA THR A 401 0.08 27.01 24.35
C THR A 401 -0.11 28.15 23.34
N GLU A 402 0.15 27.89 22.06
CA GLU A 402 0.21 28.96 21.06
C GLU A 402 -0.90 28.90 20.03
N ASP A 403 -1.52 27.74 19.81
CA ASP A 403 -2.59 27.61 18.82
C ASP A 403 -3.95 27.53 19.49
N ILE A 404 -4.18 26.46 20.26
CA ILE A 404 -5.44 26.32 21.00
C ILE A 404 -5.50 27.29 22.16
N LYS A 405 -4.34 27.63 22.75
CA LYS A 405 -4.24 28.63 23.81
C LYS A 405 -5.03 28.22 25.06
N VAL A 406 -4.88 26.97 25.45
CA VAL A 406 -5.51 26.45 26.66
C VAL A 406 -4.48 25.98 27.68
N ALA A 407 -3.23 26.43 27.53
CA ALA A 407 -2.17 26.03 28.44
C ALA A 407 -1.23 27.21 28.69
N LEU A 408 -0.72 27.28 29.91
CA LEU A 408 0.35 28.20 30.24
C LEU A 408 1.66 27.42 30.33
N ARG A 409 2.76 28.09 30.02
CA ARG A 409 4.05 27.43 29.95
C ARG A 409 5.07 28.22 30.76
N PRO A 410 5.75 27.59 31.71
CA PRO A 410 6.82 28.31 32.42
C PRO A 410 8.09 28.38 31.59
N LYS A 411 8.81 29.47 31.80
CA LYS A 411 10.09 29.69 31.14
C LYS A 411 11.19 29.04 31.96
N ALA A 412 12.17 28.49 31.27
CA ALA A 412 13.30 27.86 31.91
C ALA A 412 14.52 28.74 31.71
N ASN A 413 15.53 28.54 32.54
CA ASN A 413 16.76 29.32 32.41
C ASN A 413 17.55 28.73 31.25
N GLU A 414 18.79 29.21 31.08
CA GLU A 414 19.58 28.79 29.93
C GLU A 414 19.78 27.27 29.92
N ASN A 415 19.91 26.67 31.10
CA ASN A 415 20.21 25.24 31.24
C ASN A 415 18.97 24.37 31.35
N GLY A 416 17.80 24.89 31.02
CA GLY A 416 16.57 24.13 31.08
C GLY A 416 15.99 23.97 32.47
N LEU A 417 16.51 24.69 33.46
CA LEU A 417 15.99 24.62 34.82
C LEU A 417 14.88 25.66 34.98
N VAL A 418 13.70 25.20 35.38
CA VAL A 418 12.60 26.10 35.72
C VAL A 418 12.71 26.40 37.22
N GLY A 419 12.93 27.67 37.54
CA GLY A 419 13.12 28.03 38.93
C GLY A 419 11.83 28.00 39.72
N ARG A 420 11.97 27.79 41.03
CA ARG A 420 10.82 27.75 41.92
C ARG A 420 9.93 28.97 41.72
N LEU A 421 10.52 30.14 41.44
CA LEU A 421 9.73 31.35 41.30
C LEU A 421 8.90 31.32 40.02
N GLU A 422 9.47 30.88 38.90
CA GLU A 422 8.69 30.76 37.67
C GLU A 422 7.56 29.76 37.85
N ILE A 423 7.83 28.64 38.52
CA ILE A 423 6.78 27.66 38.80
C ILE A 423 5.68 28.30 39.64
N ALA A 424 6.04 28.97 40.74
CA ALA A 424 5.04 29.62 41.57
C ALA A 424 4.25 30.65 40.77
N LYS A 425 4.92 31.33 39.83
CA LYS A 425 4.24 32.33 39.02
C LYS A 425 3.21 31.70 38.09
N VAL A 426 3.59 30.64 37.38
CA VAL A 426 2.66 30.04 36.43
C VAL A 426 1.51 29.36 37.16
N VAL A 427 1.80 28.72 38.30
CA VAL A 427 0.75 28.09 39.10
C VAL A 427 -0.28 29.12 39.54
N LYS A 428 0.18 30.19 40.18
CA LYS A 428 -0.75 31.25 40.57
C LYS A 428 -1.39 31.88 39.34
N GLY A 429 -0.63 32.03 38.25
CA GLY A 429 -1.20 32.54 37.03
C GLY A 429 -2.37 31.72 36.52
N LEU A 430 -2.28 30.39 36.66
CA LEU A 430 -3.34 29.54 36.14
C LEU A 430 -4.52 29.49 37.10
N MET A 431 -4.26 29.42 38.41
CA MET A 431 -5.33 29.25 39.38
C MET A 431 -6.01 30.58 39.70
N GLU A 432 -5.25 31.68 39.73
CA GLU A 432 -5.77 32.97 40.17
C GLU A 432 -5.51 34.11 39.19
N GLY A 433 -4.37 34.08 38.49
CA GLY A 433 -3.91 35.23 37.76
C GLY A 433 -4.75 35.59 36.55
N GLU A 434 -4.48 36.79 36.02
CA GLU A 434 -5.12 37.24 34.80
C GLU A 434 -4.77 36.34 33.61
N GLU A 435 -3.56 35.81 33.57
CA GLU A 435 -3.14 34.99 32.44
C GLU A 435 -3.98 33.72 32.33
N GLY A 436 -4.43 33.18 33.45
CA GLY A 436 -5.17 31.93 33.40
C GLY A 436 -6.64 32.07 33.10
N LYS A 437 -7.14 33.31 33.09
CA LYS A 437 -8.56 33.54 32.82
C LYS A 437 -8.92 33.07 31.43
N GLY A 438 -8.11 33.43 30.44
CA GLY A 438 -8.40 33.07 29.06
C GLY A 438 -8.28 31.59 28.77
N VAL A 439 -7.27 30.94 29.34
CA VAL A 439 -7.09 29.51 29.10
C VAL A 439 -8.23 28.73 29.73
N ARG A 440 -8.65 29.11 30.94
CA ARG A 440 -9.77 28.46 31.58
C ARG A 440 -11.02 28.56 30.71
N THR A 441 -11.32 29.77 30.22
CA THR A 441 -12.47 29.98 29.35
C THR A 441 -12.38 29.15 28.09
N ARG A 442 -11.23 29.22 27.40
CA ARG A 442 -11.10 28.50 26.14
C ARG A 442 -11.13 26.99 26.35
N MET A 443 -10.60 26.51 27.49
CA MET A 443 -10.68 25.09 27.78
C MET A 443 -12.12 24.66 28.04
N ARG A 444 -12.93 25.54 28.64
CA ARG A 444 -14.35 25.21 28.79
C ARG A 444 -15.06 25.13 27.44
N ASP A 445 -14.72 26.03 26.50
CA ASP A 445 -15.32 25.94 25.18
C ASP A 445 -14.92 24.65 24.48
N LEU A 446 -13.70 24.17 24.72
CA LEU A 446 -13.29 22.90 24.14
C LEU A 446 -13.96 21.72 24.82
N LYS A 447 -14.21 21.82 26.13
CA LYS A 447 -14.95 20.77 26.81
C LYS A 447 -16.31 20.58 26.14
N ASP A 448 -17.01 21.69 25.90
CA ASP A 448 -18.31 21.60 25.23
C ASP A 448 -18.14 21.06 23.82
N ALA A 449 -17.09 21.48 23.11
CA ALA A 449 -16.87 20.98 21.76
C ALA A 449 -16.65 19.47 21.77
N ALA A 450 -15.89 18.97 22.74
CA ALA A 450 -15.67 17.53 22.83
C ALA A 450 -16.97 16.77 23.01
N ALA A 451 -17.90 17.35 23.78
CA ALA A 451 -19.20 16.70 23.96
C ALA A 451 -20.03 16.74 22.68
N LYS A 452 -19.89 17.81 21.90
CA LYS A 452 -20.65 17.95 20.66
C LYS A 452 -20.23 16.91 19.63
N VAL A 453 -18.91 16.76 19.41
CA VAL A 453 -18.45 15.88 18.34
C VAL A 453 -18.75 14.43 18.65
N LEU A 454 -18.91 14.07 19.93
CA LEU A 454 -19.22 12.70 20.31
C LEU A 454 -20.71 12.49 20.50
N SER A 455 -21.51 13.51 20.23
CA SER A 455 -22.96 13.39 20.37
C SER A 455 -23.52 12.62 19.17
N GLN A 456 -24.84 12.44 19.15
CA GLN A 456 -25.47 11.62 18.13
C GLN A 456 -25.08 12.07 16.73
N ASP A 457 -25.21 13.36 16.45
CA ASP A 457 -24.92 13.92 15.15
C ASP A 457 -23.59 14.66 15.12
N GLY A 458 -22.72 14.39 16.10
CA GLY A 458 -21.43 15.05 16.15
C GLY A 458 -20.49 14.58 15.07
N SER A 459 -19.49 15.44 14.78
CA SER A 459 -18.59 15.18 13.68
C SER A 459 -17.75 13.92 13.89
N SER A 460 -17.32 13.67 15.13
CA SER A 460 -16.51 12.47 15.38
C SER A 460 -17.38 11.21 15.39
N THR A 461 -18.61 11.31 15.89
CA THR A 461 -19.53 10.19 15.80
C THR A 461 -19.85 9.85 14.35
N LYS A 462 -19.94 10.87 13.49
CA LYS A 462 -20.24 10.61 12.09
C LYS A 462 -19.04 10.01 11.36
N ALA A 463 -17.83 10.49 11.67
CA ALA A 463 -16.64 9.91 11.05
C ALA A 463 -16.50 8.44 11.39
N LEU A 464 -16.73 8.08 12.66
CA LEU A 464 -16.68 6.67 13.04
C LEU A 464 -17.72 5.86 12.28
N ALA A 465 -18.89 6.45 12.03
CA ALA A 465 -19.93 5.76 11.30
C ALA A 465 -19.57 5.61 9.82
N GLU A 466 -18.92 6.63 9.25
CA GLU A 466 -18.42 6.51 7.88
C GLU A 466 -17.46 5.34 7.77
N LEU A 467 -16.51 5.24 8.71
CA LEU A 467 -15.58 4.12 8.70
C LEU A 467 -16.32 2.80 8.88
N ALA A 468 -17.24 2.74 9.84
CA ALA A 468 -17.97 1.51 10.10
C ALA A 468 -18.73 1.05 8.87
N THR A 469 -19.29 1.98 8.09
CA THR A 469 -20.03 1.62 6.89
C THR A 469 -19.10 1.01 5.84
N LYS A 470 -17.94 1.65 5.62
CA LYS A 470 -16.99 1.13 4.64
C LYS A 470 -16.55 -0.29 4.99
N LEU A 471 -16.30 -0.54 6.28
CA LEU A 471 -15.81 -1.85 6.68
C LEU A 471 -16.91 -2.90 6.60
N LYS A 472 -18.15 -2.52 6.94
CA LYS A 472 -19.24 -3.48 6.86
C LYS A 472 -19.60 -3.82 5.42
N ASN A 473 -19.35 -2.90 4.49
CA ASN A 473 -19.65 -3.15 3.08
C ASN A 473 -18.65 -4.12 2.44
N LYS A 474 -17.69 -4.64 3.22
CA LYS A 474 -16.78 -5.66 2.73
C LYS A 474 -17.34 -7.07 2.90
N VAL A 475 -18.37 -7.23 3.72
CA VAL A 475 -18.98 -8.54 3.97
C VAL A 475 -20.41 -8.54 3.44
N ASN B 12 12.84 17.16 -16.42
CA ASN B 12 11.51 16.66 -16.72
C ASN B 12 11.05 15.63 -15.71
N PRO B 13 9.74 15.52 -15.50
CA PRO B 13 9.22 14.43 -14.67
C PRO B 13 9.64 13.09 -15.27
N HIS B 14 10.20 12.23 -14.42
CA HIS B 14 10.85 11.01 -14.85
C HIS B 14 10.08 9.79 -14.35
N ILE B 15 9.99 8.78 -15.21
CA ILE B 15 9.31 7.53 -14.89
C ILE B 15 10.28 6.38 -15.06
N VAL B 16 10.28 5.47 -14.10
CA VAL B 16 11.08 4.25 -14.13
C VAL B 16 10.14 3.09 -14.40
N ILE B 17 10.52 2.21 -15.33
CA ILE B 17 9.66 1.10 -15.76
C ILE B 17 10.47 -0.19 -15.64
N LEU B 18 9.85 -1.22 -15.07
CA LEU B 18 10.48 -2.52 -14.87
C LEU B 18 9.62 -3.61 -15.50
N PRO B 19 9.89 -4.01 -16.74
CA PRO B 19 9.12 -5.12 -17.32
C PRO B 19 9.53 -6.45 -16.72
N SER B 20 8.58 -7.35 -16.62
CA SER B 20 8.89 -8.74 -16.29
C SER B 20 9.20 -9.52 -17.58
N PRO B 21 9.98 -10.60 -17.50
CA PRO B 21 10.41 -11.32 -18.70
C PRO B 21 9.28 -11.58 -19.69
N GLY B 22 9.61 -11.47 -20.98
CA GLY B 22 8.64 -11.73 -22.05
C GLY B 22 8.48 -10.54 -22.98
N MET B 23 8.62 -10.80 -24.27
CA MET B 23 8.42 -9.75 -25.26
C MET B 23 7.02 -9.17 -25.13
N GLY B 24 6.05 -10.02 -24.81
CA GLY B 24 4.72 -9.53 -24.54
C GLY B 24 4.69 -8.45 -23.49
N HIS B 25 5.59 -8.53 -22.50
CA HIS B 25 5.65 -7.51 -21.47
C HIS B 25 6.56 -6.34 -21.83
N LEU B 26 7.64 -6.57 -22.58
CA LEU B 26 8.56 -5.50 -22.89
C LEU B 26 8.00 -4.55 -23.94
N ILE B 27 7.41 -5.09 -24.99
CA ILE B 27 6.91 -4.27 -26.08
C ILE B 27 5.86 -3.27 -25.59
N PRO B 28 4.78 -3.73 -24.94
CA PRO B 28 3.74 -2.77 -24.53
C PRO B 28 4.22 -1.78 -23.50
N LEU B 29 5.10 -2.17 -22.57
CA LEU B 29 5.60 -1.23 -21.59
C LEU B 29 6.46 -0.15 -22.25
N VAL B 30 7.23 -0.54 -23.28
CA VAL B 30 8.01 0.45 -24.02
C VAL B 30 7.09 1.38 -24.81
N GLU B 31 5.99 0.84 -25.34
CA GLU B 31 5.05 1.68 -26.08
C GLU B 31 4.35 2.67 -25.17
N PHE B 32 3.92 2.23 -23.99
CA PHE B 32 3.33 3.14 -23.01
C PHE B 32 4.29 4.26 -22.65
N SER B 33 5.55 3.91 -22.43
CA SER B 33 6.55 4.95 -22.14
C SER B 33 6.71 5.91 -23.31
N LYS B 34 6.72 5.38 -24.54
CA LYS B 34 6.92 6.22 -25.71
C LYS B 34 5.85 7.31 -25.80
N ARG B 35 4.60 6.97 -25.49
CA ARG B 35 3.53 7.96 -25.58
C ARG B 35 3.53 8.93 -24.41
N LEU B 36 4.06 8.50 -23.25
CA LEU B 36 4.25 9.45 -22.16
C LEU B 36 5.32 10.46 -22.52
N ILE B 37 6.36 10.00 -23.24
CA ILE B 37 7.42 10.91 -23.68
C ILE B 37 6.91 11.80 -24.80
N SER B 38 6.18 11.21 -25.76
CA SER B 38 5.78 11.97 -26.95
C SER B 38 4.65 12.95 -26.64
N GLN B 39 3.71 12.56 -25.79
CA GLN B 39 2.50 13.35 -25.59
C GLN B 39 2.54 14.21 -24.32
N HIS B 40 3.34 13.86 -23.33
CA HIS B 40 3.33 14.55 -22.04
C HIS B 40 4.73 14.88 -21.54
N GLN B 41 5.73 14.84 -22.44
CA GLN B 41 7.05 15.39 -22.14
C GLN B 41 7.64 14.77 -20.87
N PHE B 42 7.38 13.49 -20.66
CA PHE B 42 8.05 12.75 -19.62
C PHE B 42 9.41 12.25 -20.14
N SER B 43 10.27 11.86 -19.20
CA SER B 43 11.47 11.10 -19.52
C SER B 43 11.38 9.76 -18.80
N VAL B 44 12.02 8.75 -19.37
CA VAL B 44 11.84 7.37 -18.94
C VAL B 44 13.18 6.66 -18.86
N THR B 45 13.34 5.82 -17.85
CA THR B 45 14.42 4.86 -17.75
C THR B 45 13.82 3.47 -17.66
N LEU B 46 14.30 2.56 -18.51
CA LEU B 46 13.84 1.19 -18.55
C LEU B 46 14.88 0.32 -17.84
N ILE B 47 14.51 -0.25 -16.71
CA ILE B 47 15.36 -1.19 -15.99
C ILE B 47 14.92 -2.58 -16.40
N LEU B 48 15.81 -3.32 -17.05
CA LEU B 48 15.44 -4.60 -17.63
C LEU B 48 16.14 -5.72 -16.87
N PRO B 49 15.43 -6.50 -16.06
CA PRO B 49 16.03 -7.70 -15.49
C PRO B 49 16.40 -8.71 -16.58
N THR B 50 17.45 -9.47 -16.31
CA THR B 50 17.97 -10.42 -17.28
C THR B 50 18.25 -11.74 -16.59
N ASP B 51 18.24 -12.81 -17.39
CA ASP B 51 18.65 -14.13 -16.94
C ASP B 51 19.82 -14.67 -17.76
N GLY B 52 20.41 -13.85 -18.60
CA GLY B 52 21.50 -14.25 -19.45
C GLY B 52 21.74 -13.16 -20.48
N PRO B 53 22.45 -13.48 -21.55
CA PRO B 53 22.63 -12.50 -22.63
C PRO B 53 21.28 -12.19 -23.27
N ILE B 54 21.14 -10.96 -23.77
CA ILE B 54 19.88 -10.52 -24.37
C ILE B 54 19.82 -10.94 -25.83
N SER B 55 18.60 -11.24 -26.27
CA SER B 55 18.35 -11.68 -27.63
C SER B 55 18.46 -10.51 -28.61
N ASN B 56 18.50 -10.84 -29.89
CA ASN B 56 18.49 -9.80 -30.91
C ASN B 56 17.11 -9.16 -31.03
N SER B 57 16.07 -9.97 -30.85
CA SER B 57 14.72 -9.41 -30.83
C SER B 57 14.61 -8.35 -29.74
N GLN B 58 15.23 -8.59 -28.59
CA GLN B 58 15.26 -7.56 -27.55
C GLN B 58 16.30 -6.49 -27.83
N LYS B 59 17.53 -6.93 -28.16
CA LYS B 59 18.64 -5.98 -28.34
C LYS B 59 18.25 -4.89 -29.32
N SER B 60 17.57 -5.26 -30.40
CA SER B 60 17.08 -4.26 -31.34
C SER B 60 16.07 -3.34 -30.66
N PHE B 61 15.03 -3.93 -30.08
CA PHE B 61 14.03 -3.16 -29.33
C PHE B 61 14.68 -2.29 -28.27
N LEU B 62 15.69 -2.83 -27.58
CA LEU B 62 16.38 -2.05 -26.54
C LEU B 62 17.03 -0.82 -27.14
N ASN B 63 17.58 -0.96 -28.35
CA ASN B 63 18.00 0.22 -29.10
C ASN B 63 16.71 0.78 -29.70
N SER B 64 16.82 1.68 -30.68
CA SER B 64 15.67 2.25 -31.36
C SER B 64 14.72 2.96 -30.40
N LEU B 65 15.15 3.17 -29.15
CA LEU B 65 14.31 3.86 -28.18
C LEU B 65 14.37 5.37 -28.36
N PRO B 66 13.31 6.08 -27.99
CA PRO B 66 13.29 7.55 -28.15
C PRO B 66 14.39 8.26 -27.35
N SER B 67 14.53 9.55 -27.63
CA SER B 67 15.63 10.33 -27.09
C SER B 67 15.57 10.42 -25.57
N CYS B 68 14.39 10.72 -25.03
CA CYS B 68 14.22 10.87 -23.59
C CYS B 68 14.08 9.53 -22.87
N MET B 69 14.42 8.43 -23.54
CA MET B 69 14.32 7.10 -22.95
C MET B 69 15.66 6.40 -23.01
N ASP B 70 16.21 6.06 -21.85
CA ASP B 70 17.40 5.25 -21.72
C ASP B 70 17.02 3.95 -21.02
N TYR B 71 17.98 3.02 -20.96
CA TYR B 71 17.71 1.73 -20.35
C TYR B 71 18.93 1.26 -19.57
N HIS B 72 18.69 0.35 -18.64
CA HIS B 72 19.72 -0.24 -17.81
C HIS B 72 19.44 -1.72 -17.62
N LEU B 73 20.40 -2.56 -17.95
CA LEU B 73 20.27 -4.00 -17.80
C LEU B 73 20.86 -4.42 -16.46
N LEU B 74 20.07 -5.15 -15.68
CA LEU B 74 20.48 -5.65 -14.37
C LEU B 74 21.37 -6.88 -14.53
N PRO B 75 22.23 -7.15 -13.56
CA PRO B 75 23.08 -8.35 -13.66
C PRO B 75 22.24 -9.59 -13.84
N PRO B 76 22.72 -10.57 -14.61
CA PRO B 76 21.90 -11.75 -14.87
C PRO B 76 21.70 -12.57 -13.60
N VAL B 77 20.47 -13.02 -13.40
CA VAL B 77 20.15 -13.90 -12.29
C VAL B 77 20.53 -15.33 -12.65
N ASN B 78 20.66 -16.17 -11.63
CA ASN B 78 21.00 -17.57 -11.81
C ASN B 78 19.72 -18.39 -11.62
N PHE B 79 19.36 -19.17 -12.63
CA PHE B 79 18.18 -20.02 -12.58
C PHE B 79 18.54 -21.49 -12.73
N ASP B 80 19.80 -21.85 -12.49
CA ASP B 80 20.22 -23.23 -12.64
C ASP B 80 19.53 -24.15 -11.64
N ASP B 81 18.91 -23.61 -10.59
CA ASP B 81 18.23 -24.42 -9.60
C ASP B 81 16.79 -24.78 -10.00
N LEU B 82 16.23 -24.12 -11.01
CA LEU B 82 14.81 -24.31 -11.29
C LEU B 82 14.55 -25.66 -11.94
N PRO B 83 13.45 -26.34 -11.59
CA PRO B 83 13.09 -27.57 -12.29
C PRO B 83 12.74 -27.30 -13.74
N LEU B 84 12.93 -28.32 -14.57
CA LEU B 84 12.57 -28.23 -15.98
C LEU B 84 11.06 -28.16 -16.16
N ASP B 85 10.30 -28.57 -15.13
CA ASP B 85 8.85 -28.52 -15.13
C ASP B 85 8.33 -27.15 -14.72
N VAL B 86 9.20 -26.17 -14.60
CA VAL B 86 8.81 -24.86 -14.07
C VAL B 86 7.81 -24.19 -15.01
N LYS B 87 6.73 -23.68 -14.44
CA LYS B 87 5.77 -22.90 -15.21
C LYS B 87 6.32 -21.50 -15.44
N ILE B 88 5.92 -20.90 -16.55
CA ILE B 88 6.53 -19.63 -16.95
C ILE B 88 6.29 -18.56 -15.89
N GLU B 89 5.12 -18.58 -15.25
CA GLU B 89 4.81 -17.55 -14.28
C GLU B 89 5.69 -17.66 -13.03
N THR B 90 6.10 -18.86 -12.65
CA THR B 90 7.01 -19.00 -11.52
C THR B 90 8.38 -18.41 -11.84
N ARG B 91 8.91 -18.72 -13.03
CA ARG B 91 10.21 -18.17 -13.43
C ARG B 91 10.15 -16.65 -13.57
N ILE B 92 9.07 -16.13 -14.15
CA ILE B 92 8.94 -14.68 -14.28
C ILE B 92 9.01 -14.02 -12.90
N SER B 93 8.18 -14.48 -11.97
CA SER B 93 8.19 -13.88 -10.63
C SER B 93 9.56 -13.96 -10.01
N LEU B 94 10.20 -15.13 -10.06
CA LEU B 94 11.51 -15.29 -9.46
C LEU B 94 12.57 -14.43 -10.14
N THR B 95 12.36 -14.09 -11.41
CA THR B 95 13.29 -13.19 -12.08
C THR B 95 13.26 -11.80 -11.44
N VAL B 96 12.09 -11.39 -10.94
CA VAL B 96 11.97 -10.08 -10.31
C VAL B 96 12.55 -10.12 -8.90
N THR B 97 12.15 -11.11 -8.10
CA THR B 97 12.61 -11.17 -6.71
C THR B 97 14.12 -11.30 -6.62
N ARG B 98 14.72 -12.15 -7.46
CA ARG B 98 16.16 -12.36 -7.40
C ARG B 98 16.95 -11.19 -7.98
N SER B 99 16.29 -10.17 -8.50
CA SER B 99 16.96 -9.00 -9.05
C SER B 99 16.83 -7.75 -8.17
N LEU B 100 16.19 -7.86 -7.00
CA LEU B 100 15.83 -6.67 -6.24
C LEU B 100 17.04 -5.93 -5.69
N SER B 101 18.11 -6.65 -5.33
CA SER B 101 19.29 -5.97 -4.79
C SER B 101 19.88 -5.01 -5.82
N SER B 102 20.15 -5.50 -7.03
CA SER B 102 20.69 -4.64 -8.06
C SER B 102 19.69 -3.57 -8.49
N LEU B 103 18.39 -3.91 -8.48
CA LEU B 103 17.37 -2.89 -8.72
C LEU B 103 17.49 -1.76 -7.70
N ARG B 104 17.66 -2.11 -6.43
CA ARG B 104 17.78 -1.09 -5.39
C ARG B 104 18.94 -0.14 -5.67
N GLU B 105 20.07 -0.67 -6.12
CA GLU B 105 21.22 0.18 -6.40
C GLU B 105 20.92 1.12 -7.57
N VAL B 106 20.33 0.61 -8.64
CA VAL B 106 19.99 1.46 -9.78
C VAL B 106 18.99 2.53 -9.33
N PHE B 107 18.03 2.15 -8.49
CA PHE B 107 16.99 3.09 -8.10
C PHE B 107 17.57 4.23 -7.25
N LYS B 108 18.54 3.91 -6.38
CA LYS B 108 19.26 4.96 -5.67
C LYS B 108 19.79 6.03 -6.63
N THR B 109 20.49 5.60 -7.68
CA THR B 109 21.13 6.57 -8.57
C THR B 109 20.11 7.40 -9.33
N LEU B 110 19.04 6.77 -9.82
CA LEU B 110 18.01 7.51 -10.56
C LEU B 110 17.36 8.56 -9.66
N VAL B 111 16.96 8.17 -8.45
CA VAL B 111 16.29 9.09 -7.54
C VAL B 111 17.17 10.30 -7.26
N ASP B 112 18.49 10.13 -7.27
CA ASP B 112 19.38 11.26 -7.09
C ASP B 112 19.53 12.09 -8.36
N SER B 113 19.48 11.46 -9.53
CA SER B 113 19.77 12.17 -10.77
C SER B 113 18.52 12.70 -11.47
N LYS B 114 17.39 12.02 -11.32
CA LYS B 114 16.17 12.41 -12.00
C LYS B 114 15.10 12.69 -10.95
N LYS B 115 14.05 13.40 -11.36
CA LYS B 115 12.90 13.65 -10.49
C LYS B 115 11.85 12.57 -10.76
N VAL B 116 12.03 11.43 -10.09
CA VAL B 116 11.21 10.24 -10.35
C VAL B 116 9.84 10.42 -9.71
N VAL B 117 8.80 10.35 -10.54
CA VAL B 117 7.42 10.55 -10.09
C VAL B 117 6.62 9.25 -10.05
N ALA B 118 7.11 8.17 -10.65
CA ALA B 118 6.37 6.92 -10.64
C ALA B 118 7.30 5.77 -11.00
N PHE B 119 7.02 4.61 -10.41
CA PHE B 119 7.70 3.35 -10.71
C PHE B 119 6.66 2.39 -11.25
N VAL B 120 6.75 2.06 -12.53
CA VAL B 120 5.72 1.26 -13.19
C VAL B 120 6.27 -0.15 -13.41
N VAL B 121 5.64 -1.12 -12.75
CA VAL B 121 5.92 -2.53 -13.00
C VAL B 121 4.75 -3.12 -13.77
N ASP B 122 4.89 -4.35 -14.22
CA ASP B 122 3.81 -5.03 -14.91
C ASP B 122 3.14 -6.03 -13.97
N LEU B 123 2.29 -6.90 -14.54
CA LEU B 123 1.39 -7.70 -13.73
C LEU B 123 2.10 -8.60 -12.72
N PHE B 124 3.38 -8.95 -12.95
CA PHE B 124 4.09 -9.86 -12.07
C PHE B 124 5.28 -9.20 -11.38
N GLY B 125 5.24 -7.88 -11.21
CA GLY B 125 6.38 -7.17 -10.62
C GLY B 125 6.10 -6.58 -9.26
N THR B 126 5.07 -7.06 -8.57
CA THR B 126 4.62 -6.41 -7.35
C THR B 126 5.69 -6.47 -6.25
N ASP B 127 6.58 -7.45 -6.30
CA ASP B 127 7.61 -7.57 -5.27
C ASP B 127 8.62 -6.44 -5.33
N ALA B 128 8.71 -5.71 -6.44
CA ALA B 128 9.54 -4.53 -6.53
C ALA B 128 8.88 -3.28 -5.93
N PHE B 129 7.63 -3.39 -5.45
CA PHE B 129 6.98 -2.24 -4.81
C PHE B 129 7.77 -1.75 -3.61
N ASP B 130 8.44 -2.65 -2.89
CA ASP B 130 9.12 -2.24 -1.67
C ASP B 130 10.26 -1.28 -1.96
N VAL B 131 10.92 -1.42 -3.10
CA VAL B 131 11.96 -0.46 -3.47
C VAL B 131 11.36 0.91 -3.72
N ALA B 132 10.23 0.96 -4.45
CA ALA B 132 9.57 2.24 -4.70
C ALA B 132 9.20 2.93 -3.39
N ILE B 133 8.58 2.19 -2.47
CA ILE B 133 8.10 2.77 -1.22
C ILE B 133 9.27 3.27 -0.38
N ASP B 134 10.39 2.55 -0.41
CA ASP B 134 11.55 2.93 0.38
C ASP B 134 12.19 4.21 -0.14
N PHE B 135 11.99 4.54 -1.42
CA PHE B 135 12.49 5.79 -1.99
C PHE B 135 11.37 6.78 -2.24
N ASN B 136 10.18 6.52 -1.68
CA ASN B 136 9.06 7.45 -1.72
C ASN B 136 8.62 7.75 -3.16
N VAL B 137 8.48 6.71 -3.95
CA VAL B 137 8.01 6.82 -5.33
C VAL B 137 6.73 6.00 -5.48
N SER B 138 5.70 6.62 -6.04
CA SER B 138 4.42 5.95 -6.19
C SER B 138 4.59 4.73 -7.09
N PRO B 139 4.13 3.55 -6.67
CA PRO B 139 4.19 2.38 -7.56
C PRO B 139 2.92 2.25 -8.39
N TYR B 140 3.11 1.83 -9.64
CA TYR B 140 2.02 1.62 -10.57
C TYR B 140 2.19 0.27 -11.26
N ILE B 141 1.07 -0.28 -11.71
CA ILE B 141 1.06 -1.54 -12.45
C ILE B 141 0.55 -1.23 -13.85
N PHE B 142 1.34 -1.64 -14.85
CA PHE B 142 0.86 -1.66 -16.23
C PHE B 142 0.40 -3.08 -16.52
N PHE B 143 -0.89 -3.24 -16.79
CA PHE B 143 -1.44 -4.56 -17.05
C PHE B 143 -1.45 -4.84 -18.54
N PRO B 144 -0.53 -5.67 -19.04
CA PRO B 144 -0.40 -5.84 -20.50
C PRO B 144 -1.44 -6.76 -21.12
N SER B 145 -2.37 -7.31 -20.34
CA SER B 145 -3.34 -8.26 -20.84
C SER B 145 -4.73 -7.61 -20.83
N THR B 146 -5.77 -8.44 -20.80
CA THR B 146 -7.12 -7.94 -20.95
C THR B 146 -7.64 -7.31 -19.67
N ALA B 147 -8.68 -6.50 -19.82
CA ALA B 147 -9.39 -5.98 -18.65
C ALA B 147 -10.06 -7.11 -17.90
N MET B 148 -10.58 -8.11 -18.62
CA MET B 148 -11.14 -9.29 -17.98
C MET B 148 -10.11 -9.96 -17.10
N ALA B 149 -8.90 -10.16 -17.63
CA ALA B 149 -7.84 -10.77 -16.84
C ALA B 149 -7.50 -9.92 -15.63
N LEU B 150 -7.48 -8.59 -15.80
CA LEU B 150 -7.21 -7.71 -14.67
C LEU B 150 -8.32 -7.86 -13.63
N SER B 151 -9.58 -7.95 -14.08
CA SER B 151 -10.67 -8.22 -13.16
C SER B 151 -10.46 -9.52 -12.41
N LEU B 152 -9.97 -10.55 -13.11
CA LEU B 152 -9.75 -11.84 -12.48
C LEU B 152 -8.65 -11.74 -11.41
N PHE B 153 -7.58 -11.03 -11.70
CA PHE B 153 -6.52 -10.85 -10.71
C PHE B 153 -7.08 -10.23 -9.44
N LEU B 154 -7.80 -9.12 -9.58
CA LEU B 154 -8.40 -8.47 -8.40
C LEU B 154 -9.39 -9.39 -7.71
N TYR B 155 -10.08 -10.22 -8.47
CA TYR B 155 -11.12 -11.10 -7.92
C TYR B 155 -10.52 -12.35 -7.30
N LEU B 156 -9.29 -12.69 -7.65
CA LEU B 156 -8.74 -13.99 -7.30
C LEU B 156 -8.63 -14.23 -5.80
N PRO B 157 -8.17 -13.29 -4.97
CA PRO B 157 -8.10 -13.56 -3.52
C PRO B 157 -9.44 -14.03 -2.97
N LYS B 158 -10.55 -13.48 -3.45
CA LYS B 158 -11.85 -13.99 -3.06
C LYS B 158 -12.07 -15.39 -3.61
N LEU B 159 -11.82 -15.59 -4.91
CA LEU B 159 -12.02 -16.89 -5.53
C LEU B 159 -11.28 -17.98 -4.76
N ASP B 160 -10.02 -17.71 -4.39
CA ASP B 160 -9.23 -18.71 -3.68
C ASP B 160 -9.91 -19.16 -2.39
N ALA B 161 -10.66 -18.26 -1.73
CA ALA B 161 -11.33 -18.60 -0.48
C ALA B 161 -12.77 -19.05 -0.67
N THR B 162 -13.41 -18.67 -1.77
CA THR B 162 -14.77 -19.11 -2.06
C THR B 162 -14.78 -20.48 -2.73
N VAL B 163 -13.63 -20.95 -3.18
CA VAL B 163 -13.51 -22.23 -3.89
C VAL B 163 -12.26 -22.94 -3.40
N SER B 164 -12.41 -24.21 -3.03
CA SER B 164 -11.29 -25.07 -2.66
C SER B 164 -11.03 -26.14 -3.71
N CYS B 165 -11.99 -26.39 -4.59
CA CYS B 165 -11.82 -27.33 -5.68
C CYS B 165 -10.91 -26.73 -6.75
N GLU B 166 -10.28 -27.60 -7.53
CA GLU B 166 -9.54 -27.16 -8.71
C GLU B 166 -10.52 -26.55 -9.71
N TYR B 167 -10.22 -25.33 -10.16
CA TYR B 167 -11.17 -24.62 -11.00
C TYR B 167 -11.53 -25.42 -12.25
N ARG B 168 -10.61 -26.26 -12.71
CA ARG B 168 -10.85 -27.05 -13.91
C ARG B 168 -12.09 -27.92 -13.76
N ASP B 169 -12.22 -28.61 -12.63
CA ASP B 169 -13.36 -29.49 -12.38
C ASP B 169 -14.53 -28.76 -11.72
N LEU B 170 -14.52 -27.44 -11.71
CA LEU B 170 -15.60 -26.67 -11.08
C LEU B 170 -16.88 -26.78 -11.90
N PRO B 171 -18.00 -27.17 -11.29
CA PRO B 171 -19.21 -27.40 -12.10
C PRO B 171 -19.76 -26.18 -12.84
N ASP B 172 -19.98 -25.03 -12.15
CA ASP B 172 -20.67 -23.93 -12.81
C ASP B 172 -19.69 -22.90 -13.34
N PRO B 173 -20.07 -22.16 -14.39
CA PRO B 173 -19.11 -21.24 -15.02
C PRO B 173 -18.73 -20.12 -14.06
N ILE B 174 -17.48 -19.70 -14.15
CA ILE B 174 -16.96 -18.68 -13.26
C ILE B 174 -17.38 -17.29 -13.74
N GLN B 175 -17.88 -16.49 -12.82
CA GLN B 175 -18.36 -15.13 -13.09
C GLN B 175 -17.37 -14.14 -12.50
N ILE B 176 -16.52 -13.58 -13.35
CA ILE B 176 -15.58 -12.53 -12.96
C ILE B 176 -16.33 -11.20 -13.00
N PRO B 177 -16.14 -10.32 -12.01
CA PRO B 177 -16.91 -9.06 -11.99
C PRO B 177 -16.86 -8.29 -13.31
N GLY B 178 -18.04 -8.02 -13.86
CA GLY B 178 -18.14 -7.24 -15.09
C GLY B 178 -17.80 -7.99 -16.36
N CYS B 179 -17.47 -9.27 -16.27
CA CYS B 179 -16.99 -10.03 -17.41
C CYS B 179 -18.04 -11.03 -17.88
N ILE B 180 -17.87 -11.49 -19.12
CA ILE B 180 -18.71 -12.60 -19.57
C ILE B 180 -18.39 -13.83 -18.74
N PRO B 181 -19.37 -14.68 -18.42
CA PRO B 181 -19.06 -15.92 -17.71
C PRO B 181 -18.22 -16.85 -18.57
N ILE B 182 -17.31 -17.58 -17.93
CA ILE B 182 -16.44 -18.51 -18.62
C ILE B 182 -16.21 -19.75 -17.77
N HIS B 183 -16.00 -20.88 -18.44
CA HIS B 183 -15.77 -22.14 -17.75
C HIS B 183 -14.37 -22.18 -17.13
N GLY B 184 -14.25 -22.94 -16.04
CA GLY B 184 -12.99 -23.01 -15.31
C GLY B 184 -11.84 -23.56 -16.13
N LYS B 185 -12.12 -24.50 -17.04
CA LYS B 185 -11.05 -25.06 -17.86
C LYS B 185 -10.41 -23.99 -18.74
N ASP B 186 -11.11 -22.88 -18.97
CA ASP B 186 -10.62 -21.82 -19.83
C ASP B 186 -9.85 -20.75 -19.08
N LEU B 187 -9.80 -20.82 -17.75
CA LEU B 187 -8.99 -19.86 -17.01
C LEU B 187 -7.52 -20.02 -17.39
N LEU B 188 -6.77 -18.94 -17.20
CA LEU B 188 -5.36 -18.92 -17.58
C LEU B 188 -4.62 -20.09 -16.93
N ASP B 189 -3.56 -20.52 -17.62
CA ASP B 189 -2.83 -21.72 -17.20
C ASP B 189 -2.44 -21.75 -15.73
N PRO B 190 -1.82 -20.71 -15.15
CA PRO B 190 -1.27 -20.84 -13.79
C PRO B 190 -2.30 -21.02 -12.70
N VAL B 191 -3.59 -21.07 -13.02
CA VAL B 191 -4.62 -21.34 -12.02
C VAL B 191 -5.24 -22.73 -12.21
N GLN B 192 -4.70 -23.53 -13.12
CA GLN B 192 -5.24 -24.86 -13.38
C GLN B 192 -4.70 -25.93 -12.43
N ASP B 193 -3.60 -25.65 -11.72
CA ASP B 193 -3.05 -26.56 -10.70
C ASP B 193 -2.80 -25.71 -9.46
N ARG B 194 -3.76 -25.69 -8.54
CA ARG B 194 -3.66 -24.84 -7.36
C ARG B 194 -2.53 -25.26 -6.43
N LYS B 195 -1.92 -26.43 -6.66
CA LYS B 195 -0.75 -26.85 -5.89
C LYS B 195 0.57 -26.46 -6.52
N ASN B 196 0.57 -25.93 -7.73
CA ASN B 196 1.82 -25.56 -8.38
C ASN B 196 2.29 -24.21 -7.85
N GLU B 197 3.61 -24.04 -7.77
CA GLU B 197 4.18 -22.78 -7.30
C GLU B 197 3.68 -21.60 -8.13
N ALA B 198 3.33 -21.85 -9.40
CA ALA B 198 2.86 -20.76 -10.25
C ALA B 198 1.57 -20.16 -9.70
N TYR B 199 0.68 -21.01 -9.17
CA TYR B 199 -0.57 -20.50 -8.61
C TYR B 199 -0.32 -19.71 -7.33
N ARG B 200 0.65 -20.14 -6.51
CA ARG B 200 0.97 -19.37 -5.32
C ARG B 200 1.51 -17.99 -5.69
N TRP B 201 2.38 -17.93 -6.69
CA TRP B 201 2.93 -16.64 -7.10
C TRP B 201 1.83 -15.70 -7.57
N LEU B 202 0.83 -16.23 -8.26
CA LEU B 202 -0.24 -15.38 -8.78
C LEU B 202 -1.12 -14.84 -7.65
N LEU B 203 -1.48 -15.69 -6.68
CA LEU B 203 -2.20 -15.18 -5.52
C LEU B 203 -1.36 -14.14 -4.77
N HIS B 204 -0.05 -14.39 -4.65
CA HIS B 204 0.85 -13.44 -4.03
C HIS B 204 0.77 -12.08 -4.72
N HIS B 205 0.99 -12.05 -6.03
CA HIS B 205 0.97 -10.79 -6.75
C HIS B 205 -0.41 -10.12 -6.66
N SER B 206 -1.47 -10.91 -6.88
CA SER B 206 -2.81 -10.33 -6.91
C SER B 206 -3.18 -9.72 -5.56
N LYS B 207 -2.73 -10.33 -4.46
CA LYS B 207 -3.00 -9.74 -3.16
C LYS B 207 -2.32 -8.38 -2.98
N ARG B 208 -1.22 -8.13 -3.70
CA ARG B 208 -0.48 -6.89 -3.52
C ARG B 208 -0.94 -5.78 -4.47
N TYR B 209 -1.89 -6.06 -5.35
CA TYR B 209 -2.39 -5.03 -6.25
C TYR B 209 -2.99 -3.85 -5.50
N ARG B 210 -3.45 -4.07 -4.27
CA ARG B 210 -3.98 -2.97 -3.48
C ARG B 210 -2.88 -1.96 -3.13
N MET B 211 -1.61 -2.37 -3.20
CA MET B 211 -0.51 -1.44 -2.93
C MET B 211 -0.25 -0.47 -4.07
N ALA B 212 -0.74 -0.76 -5.26
CA ALA B 212 -0.51 0.13 -6.40
C ALA B 212 -1.38 1.38 -6.29
N GLU B 213 -0.79 2.53 -6.63
CA GLU B 213 -1.53 3.78 -6.70
C GLU B 213 -2.47 3.83 -7.90
N GLY B 214 -2.21 3.01 -8.91
CA GLY B 214 -3.07 2.92 -10.06
C GLY B 214 -2.66 1.75 -10.92
N VAL B 215 -3.55 1.36 -11.83
CA VAL B 215 -3.31 0.27 -12.75
C VAL B 215 -3.64 0.74 -14.16
N VAL B 216 -2.68 0.61 -15.07
CA VAL B 216 -2.86 0.98 -16.46
C VAL B 216 -3.26 -0.26 -17.25
N SER B 217 -4.42 -0.20 -17.87
CA SER B 217 -4.97 -1.31 -18.62
C SER B 217 -4.82 -1.03 -20.11
N ASN B 218 -4.22 -1.97 -20.84
CA ASN B 218 -4.05 -1.85 -22.28
C ASN B 218 -5.28 -2.43 -23.00
N SER B 219 -6.41 -1.78 -22.75
CA SER B 219 -7.68 -2.17 -23.37
C SER B 219 -8.54 -0.92 -23.48
N PHE B 220 -9.70 -1.07 -24.13
CA PHE B 220 -10.62 0.04 -24.24
C PHE B 220 -12.05 -0.47 -24.21
N LYS B 221 -12.99 0.47 -24.08
CA LYS B 221 -14.36 0.12 -23.76
C LYS B 221 -15.03 -0.61 -24.91
N GLU B 222 -14.74 -0.21 -26.15
CA GLU B 222 -15.33 -0.88 -27.30
C GLU B 222 -14.97 -2.35 -27.35
N LEU B 223 -13.88 -2.76 -26.71
CA LEU B 223 -13.49 -4.16 -26.63
C LEU B 223 -13.96 -4.84 -25.35
N GLU B 224 -13.90 -4.15 -24.22
CA GLU B 224 -14.22 -4.73 -22.93
C GLU B 224 -14.93 -3.69 -22.05
N GLY B 225 -16.11 -3.25 -22.50
CA GLY B 225 -16.83 -2.24 -21.75
C GLY B 225 -17.33 -2.74 -20.42
N GLY B 226 -17.73 -4.01 -20.36
CA GLY B 226 -18.22 -4.59 -19.13
C GLY B 226 -17.15 -4.61 -18.05
N PRO B 227 -16.04 -5.29 -18.32
CA PRO B 227 -14.96 -5.34 -17.32
C PRO B 227 -14.44 -3.96 -16.93
N ILE B 228 -14.23 -3.08 -17.92
CA ILE B 228 -13.70 -1.76 -17.62
C ILE B 228 -14.67 -0.99 -16.73
N LYS B 229 -15.97 -1.11 -16.99
CA LYS B 229 -16.94 -0.40 -16.18
C LYS B 229 -16.90 -0.90 -14.73
N ALA B 230 -16.78 -2.21 -14.54
CA ALA B 230 -16.67 -2.76 -13.20
C ALA B 230 -15.36 -2.38 -12.55
N LEU B 231 -14.29 -2.32 -13.33
CA LEU B 231 -12.96 -2.01 -12.78
C LEU B 231 -12.89 -0.57 -12.28
N GLN B 232 -13.64 0.34 -12.89
CA GLN B 232 -13.62 1.75 -12.54
C GLN B 232 -14.61 2.11 -11.43
N GLU B 233 -15.42 1.16 -10.98
CA GLU B 233 -16.26 1.39 -9.81
C GLU B 233 -15.40 1.53 -8.56
N GLU B 234 -15.56 2.65 -7.85
CA GLU B 234 -14.72 2.92 -6.69
C GLU B 234 -14.97 1.87 -5.62
N GLU B 235 -13.90 1.43 -4.97
CA GLU B 235 -13.99 0.48 -3.86
C GLU B 235 -12.76 0.72 -2.98
N PRO B 236 -12.92 0.81 -1.67
CA PRO B 236 -11.75 0.91 -0.80
C PRO B 236 -10.83 -0.30 -1.01
N GLY B 237 -9.54 -0.01 -1.15
CA GLY B 237 -8.57 -1.05 -1.41
C GLY B 237 -8.45 -1.45 -2.86
N LYS B 238 -9.17 -0.80 -3.76
CA LYS B 238 -9.11 -1.10 -5.19
C LYS B 238 -8.54 0.10 -5.92
N PRO B 239 -7.39 -0.01 -6.58
CA PRO B 239 -6.76 1.18 -7.18
C PRO B 239 -7.55 1.66 -8.38
N PRO B 240 -7.44 2.94 -8.73
CA PRO B 240 -8.04 3.42 -9.97
C PRO B 240 -7.42 2.71 -11.17
N VAL B 241 -8.21 2.56 -12.23
CA VAL B 241 -7.80 1.89 -13.45
C VAL B 241 -7.91 2.86 -14.60
N TYR B 242 -6.83 3.00 -15.35
CA TYR B 242 -6.78 3.90 -16.51
C TYR B 242 -6.73 3.05 -17.77
N PRO B 243 -7.85 2.90 -18.50
CA PRO B 243 -7.81 2.17 -19.77
C PRO B 243 -7.29 3.06 -20.88
N VAL B 244 -6.10 2.72 -21.39
CA VAL B 244 -5.39 3.57 -22.35
C VAL B 244 -5.15 2.85 -23.67
N GLY B 245 -5.69 1.65 -23.85
CA GLY B 245 -5.43 0.89 -25.05
C GLY B 245 -6.23 1.41 -26.22
N PRO B 246 -5.91 0.90 -27.41
CA PRO B 246 -4.85 -0.07 -27.72
C PRO B 246 -3.48 0.59 -27.90
N LEU B 247 -2.48 0.22 -27.09
CA LEU B 247 -1.12 0.75 -27.19
C LEU B 247 -0.25 -0.32 -27.83
N ILE B 248 0.08 -0.14 -29.11
CA ILE B 248 0.85 -1.09 -29.89
C ILE B 248 2.01 -0.40 -30.59
N GLN B 249 2.99 -1.21 -31.00
CA GLN B 249 4.01 -0.74 -31.94
C GLN B 249 3.31 -0.19 -33.18
N MET B 250 3.29 1.13 -33.30
CA MET B 250 2.69 1.84 -34.42
C MET B 250 3.79 2.59 -35.15
N ASP B 251 4.10 2.14 -36.36
CA ASP B 251 5.19 2.69 -37.16
C ASP B 251 4.62 3.31 -38.43
N SER B 252 5.55 3.83 -39.23
CA SER B 252 5.22 4.48 -40.48
C SER B 252 5.80 3.71 -41.66
N ASP B 257 13.43 -4.79 -44.02
CA ASP B 257 13.36 -6.06 -43.31
C ASP B 257 14.44 -7.03 -43.76
N GLY B 258 15.17 -7.60 -42.80
CA GLY B 258 16.20 -8.57 -43.14
C GLY B 258 15.70 -9.95 -43.50
N SER B 259 14.47 -10.30 -43.14
CA SER B 259 13.88 -11.58 -43.49
C SER B 259 13.15 -11.54 -44.83
N GLY B 260 12.96 -10.36 -45.40
CA GLY B 260 12.24 -10.23 -46.64
C GLY B 260 10.76 -10.51 -46.56
N CYS B 261 10.18 -10.57 -45.36
CA CYS B 261 8.74 -10.75 -45.24
C CYS B 261 8.01 -9.65 -45.97
N LEU B 262 8.37 -8.40 -45.70
CA LEU B 262 7.67 -7.27 -46.30
C LEU B 262 7.99 -7.13 -47.78
N THR B 263 9.18 -7.53 -48.22
CA THR B 263 9.46 -7.52 -49.64
C THR B 263 8.57 -8.53 -50.36
N TRP B 264 8.40 -9.72 -49.79
CA TRP B 264 7.49 -10.70 -50.36
C TRP B 264 6.06 -10.18 -50.37
N LEU B 265 5.59 -9.66 -49.23
CA LEU B 265 4.23 -9.14 -49.15
C LEU B 265 3.97 -8.09 -50.21
N ASP B 266 5.00 -7.35 -50.64
CA ASP B 266 4.83 -6.37 -51.70
C ASP B 266 4.46 -7.03 -53.03
N GLU B 267 4.81 -8.30 -53.22
CA GLU B 267 4.57 -9.00 -54.47
C GLU B 267 3.28 -9.83 -54.48
N GLN B 268 2.48 -9.75 -53.43
CA GLN B 268 1.21 -10.46 -53.32
C GLN B 268 0.03 -9.49 -53.28
N PRO B 269 -1.17 -9.95 -53.69
CA PRO B 269 -2.34 -9.07 -53.77
C PRO B 269 -2.86 -8.60 -52.41
N ARG B 270 -3.89 -7.75 -52.45
CA ARG B 270 -4.40 -7.11 -51.25
C ARG B 270 -5.27 -8.06 -50.44
N GLY B 271 -5.09 -8.05 -49.13
CA GLY B 271 -5.92 -8.85 -48.24
C GLY B 271 -5.91 -10.33 -48.55
N SER B 272 -4.79 -10.86 -49.07
CA SER B 272 -4.74 -12.23 -49.55
C SER B 272 -3.90 -13.16 -48.71
N VAL B 273 -3.02 -12.63 -47.85
CA VAL B 273 -2.07 -13.44 -47.11
C VAL B 273 -2.59 -13.67 -45.70
N LEU B 274 -2.63 -14.93 -45.28
CA LEU B 274 -2.88 -15.30 -43.89
C LEU B 274 -1.55 -15.30 -43.16
N TYR B 275 -1.40 -14.38 -42.20
CA TYR B 275 -0.25 -14.41 -41.31
C TYR B 275 -0.50 -15.45 -40.23
N VAL B 276 0.53 -16.24 -39.93
CA VAL B 276 0.43 -17.32 -38.95
C VAL B 276 1.58 -17.13 -37.97
N SER B 277 1.24 -16.78 -36.73
CA SER B 277 2.24 -16.64 -35.67
C SER B 277 1.60 -17.08 -34.36
N TYR B 278 2.32 -17.93 -33.62
CA TYR B 278 1.84 -18.44 -32.34
C TYR B 278 2.47 -17.71 -31.16
N GLY B 279 2.87 -16.46 -31.36
CA GLY B 279 3.46 -15.69 -30.28
C GLY B 279 4.97 -15.86 -30.22
N SER B 280 5.58 -15.12 -29.28
CA SER B 280 7.02 -15.23 -29.10
C SER B 280 7.40 -16.58 -28.50
N GLY B 281 6.52 -17.16 -27.69
CA GLY B 281 6.84 -18.41 -27.01
C GLY B 281 6.05 -19.63 -27.47
N GLY B 282 5.06 -19.45 -28.35
CA GLY B 282 4.19 -20.54 -28.72
C GLY B 282 4.90 -21.61 -29.53
N THR B 283 4.71 -22.87 -29.14
CA THR B 283 5.23 -24.02 -29.86
C THR B 283 4.15 -25.08 -30.01
N LEU B 284 4.22 -25.82 -31.12
CA LEU B 284 3.27 -26.89 -31.42
C LEU B 284 3.97 -28.24 -31.35
N SER B 285 3.17 -29.29 -31.12
CA SER B 285 3.68 -30.64 -31.22
C SER B 285 4.13 -30.93 -32.66
N HIS B 286 5.02 -31.92 -32.79
CA HIS B 286 5.45 -32.34 -34.12
C HIS B 286 4.25 -32.71 -34.99
N GLU B 287 3.34 -33.52 -34.45
CA GLU B 287 2.16 -33.91 -35.20
C GLU B 287 1.34 -32.69 -35.62
N GLN B 288 1.03 -31.82 -34.67
CA GLN B 288 0.21 -30.64 -34.98
C GLN B 288 0.88 -29.77 -36.03
N LEU B 289 2.21 -29.63 -35.97
CA LEU B 289 2.92 -28.84 -36.96
C LEU B 289 2.66 -29.38 -38.36
N ILE B 290 2.67 -30.70 -38.52
CA ILE B 290 2.42 -31.31 -39.82
C ILE B 290 1.03 -30.92 -40.31
N GLU B 291 0.02 -31.01 -39.44
CA GLU B 291 -1.34 -30.70 -39.84
C GLU B 291 -1.49 -29.24 -40.24
N VAL B 292 -0.76 -28.34 -39.57
CA VAL B 292 -0.82 -26.93 -39.93
C VAL B 292 -0.26 -26.72 -41.34
N ALA B 293 0.94 -27.26 -41.60
CA ALA B 293 1.52 -27.13 -42.93
C ALA B 293 0.58 -27.72 -43.98
N SER B 294 0.12 -28.96 -43.78
CA SER B 294 -0.78 -29.58 -44.73
C SER B 294 -2.09 -28.81 -44.85
N GLY B 295 -2.60 -28.32 -43.73
CA GLY B 295 -3.84 -27.54 -43.79
C GLY B 295 -3.67 -26.27 -44.59
N LEU B 296 -2.53 -25.60 -44.45
CA LEU B 296 -2.27 -24.40 -45.22
C LEU B 296 -2.17 -24.70 -46.70
N GLU B 297 -1.53 -25.83 -47.05
CA GLU B 297 -1.46 -26.25 -48.44
C GLU B 297 -2.85 -26.52 -49.00
N MET B 298 -3.67 -27.24 -48.23
CA MET B 298 -5.02 -27.57 -48.68
C MET B 298 -5.92 -26.35 -48.76
N SER B 299 -5.62 -25.33 -47.95
CA SER B 299 -6.43 -24.12 -48.00
C SER B 299 -6.27 -23.42 -49.35
N GLU B 300 -5.14 -23.60 -50.02
CA GLU B 300 -4.84 -22.98 -51.30
C GLU B 300 -4.79 -21.46 -51.21
N GLN B 301 -4.75 -20.92 -50.00
CA GLN B 301 -4.61 -19.49 -49.80
C GLN B 301 -3.12 -19.17 -49.61
N ARG B 302 -2.77 -17.91 -49.83
CA ARG B 302 -1.42 -17.47 -49.52
C ARG B 302 -1.22 -17.39 -48.01
N PHE B 303 -0.03 -17.74 -47.56
CA PHE B 303 0.25 -17.75 -46.12
C PHE B 303 1.67 -17.27 -45.86
N LEU B 304 1.83 -16.58 -44.73
CA LEU B 304 3.13 -16.19 -44.19
C LEU B 304 3.19 -16.72 -42.76
N TRP B 305 4.02 -17.73 -42.54
CA TRP B 305 4.00 -18.55 -41.32
C TRP B 305 5.33 -18.47 -40.60
N VAL B 306 5.31 -17.95 -39.37
CA VAL B 306 6.47 -17.97 -38.49
C VAL B 306 6.51 -19.31 -37.78
N ILE B 307 7.44 -20.16 -38.18
CA ILE B 307 7.53 -21.54 -37.70
C ILE B 307 8.67 -21.65 -36.69
N ARG B 308 8.43 -22.42 -35.63
CA ARG B 308 9.47 -22.78 -34.68
C ARG B 308 9.53 -24.28 -34.51
N CYS B 309 10.64 -24.75 -33.94
CA CYS B 309 10.79 -26.17 -33.72
C CYS B 309 9.65 -26.67 -32.84
N PRO B 310 9.15 -27.88 -33.07
CA PRO B 310 8.02 -28.37 -32.26
C PRO B 310 8.46 -28.86 -30.89
N ASN B 311 7.45 -29.00 -30.02
CA ASN B 311 7.66 -29.45 -28.65
C ASN B 311 6.38 -30.17 -28.23
N ASP B 312 6.43 -31.50 -28.16
CA ASP B 312 5.23 -32.30 -27.92
C ASP B 312 4.68 -32.19 -26.51
N THR B 313 5.40 -31.56 -25.58
CA THR B 313 4.94 -31.55 -24.19
C THR B 313 4.67 -30.15 -23.66
N VAL B 314 5.52 -29.19 -23.94
CA VAL B 314 5.26 -27.79 -23.55
C VAL B 314 4.84 -26.99 -24.78
N ALA B 315 3.80 -26.19 -24.63
CA ALA B 315 3.29 -25.34 -25.70
C ALA B 315 3.95 -23.96 -25.73
N ASN B 316 4.72 -23.60 -24.69
CA ASN B 316 5.37 -22.30 -24.59
C ASN B 316 6.86 -22.47 -24.37
N ALA B 317 7.49 -23.38 -25.13
CA ALA B 317 8.89 -23.71 -24.90
C ALA B 317 9.84 -22.54 -25.18
N THR B 318 9.45 -21.63 -26.07
CA THR B 318 10.34 -20.56 -26.51
C THR B 318 10.04 -19.21 -25.87
N TYR B 319 9.20 -19.18 -24.82
CA TYR B 319 8.86 -17.90 -24.20
C TYR B 319 10.10 -17.15 -23.76
N PHE B 320 11.00 -17.81 -23.04
CA PHE B 320 12.22 -17.13 -22.57
C PHE B 320 13.34 -17.12 -23.62
N ASN B 321 13.48 -18.19 -24.41
CA ASN B 321 14.60 -18.29 -25.34
C ASN B 321 14.31 -19.36 -26.38
N VAL B 322 15.20 -19.48 -27.36
CA VAL B 322 15.06 -20.44 -28.46
C VAL B 322 15.94 -21.64 -28.12
N GLN B 323 15.32 -22.80 -27.98
CA GLN B 323 16.04 -24.00 -27.59
C GLN B 323 16.81 -24.61 -28.76
N ASP B 324 16.30 -25.70 -29.31
CA ASP B 324 16.97 -26.39 -30.41
C ASP B 324 17.33 -25.41 -31.52
N SER B 325 18.63 -25.24 -31.76
CA SER B 325 19.07 -24.38 -32.85
C SER B 325 18.77 -25.01 -34.21
N THR B 326 18.18 -26.20 -34.22
CA THR B 326 17.74 -26.83 -35.47
C THR B 326 16.93 -25.84 -36.29
N ASN B 327 17.05 -25.94 -37.61
CA ASN B 327 16.29 -25.08 -38.49
C ASN B 327 14.84 -25.54 -38.47
N PRO B 328 13.89 -24.73 -38.01
CA PRO B 328 12.50 -25.20 -37.89
C PRO B 328 11.94 -25.77 -39.18
N LEU B 329 12.42 -25.31 -40.33
CA LEU B 329 11.90 -25.80 -41.61
C LEU B 329 12.22 -27.26 -41.84
N ASP B 330 13.18 -27.84 -41.10
CA ASP B 330 13.49 -29.24 -41.29
C ASP B 330 12.34 -30.14 -40.86
N PHE B 331 11.34 -29.59 -40.17
CA PHE B 331 10.19 -30.35 -39.71
C PHE B 331 9.00 -30.22 -40.66
N LEU B 332 9.12 -29.45 -41.73
CA LEU B 332 8.01 -29.34 -42.66
C LEU B 332 7.85 -30.64 -43.44
N PRO B 333 6.64 -30.90 -43.95
CA PRO B 333 6.41 -32.12 -44.73
C PRO B 333 7.33 -32.19 -45.93
N LYS B 334 7.75 -33.41 -46.26
CA LYS B 334 8.66 -33.59 -47.38
C LYS B 334 8.05 -33.00 -48.64
N GLY B 335 8.79 -32.11 -49.30
CA GLY B 335 8.29 -31.44 -50.48
C GLY B 335 7.35 -30.27 -50.23
N PHE B 336 6.99 -30.00 -48.97
CA PHE B 336 6.02 -28.94 -48.70
C PHE B 336 6.46 -27.62 -49.28
N LEU B 337 7.71 -27.22 -49.05
CA LEU B 337 8.18 -25.93 -49.56
C LEU B 337 8.24 -25.94 -51.07
N GLU B 338 8.76 -27.02 -51.66
CA GLU B 338 8.78 -27.13 -53.11
C GLU B 338 7.42 -26.83 -53.71
N ARG B 339 6.34 -27.34 -53.10
CA ARG B 339 5.01 -27.20 -53.65
C ARG B 339 4.36 -25.84 -53.40
N THR B 340 4.77 -25.12 -52.37
CA THR B 340 4.10 -23.89 -51.96
C THR B 340 4.89 -22.63 -52.28
N LYS B 341 5.92 -22.71 -53.13
CA LYS B 341 6.82 -21.58 -53.33
C LYS B 341 6.07 -20.29 -53.68
N GLY B 342 5.08 -20.39 -54.56
CA GLY B 342 4.37 -19.21 -55.03
C GLY B 342 3.40 -18.64 -54.03
N LEU B 343 2.75 -19.55 -53.29
CA LEU B 343 1.65 -19.14 -52.42
C LEU B 343 2.09 -18.80 -51.01
N GLY B 344 3.13 -19.45 -50.49
CA GLY B 344 3.47 -19.34 -49.08
C GLY B 344 4.92 -19.01 -48.82
N LEU B 345 5.14 -18.18 -47.80
CA LEU B 345 6.46 -17.88 -47.28
C LEU B 345 6.51 -18.34 -45.82
N VAL B 346 7.49 -19.19 -45.50
CA VAL B 346 7.69 -19.67 -44.14
C VAL B 346 8.99 -19.07 -43.61
N VAL B 347 8.91 -18.31 -42.51
CA VAL B 347 10.06 -17.65 -41.91
C VAL B 347 10.39 -18.26 -40.55
N PRO B 348 11.68 -18.43 -40.20
CA PRO B 348 12.03 -19.13 -38.97
C PRO B 348 12.02 -18.21 -37.73
N ASN B 349 11.27 -18.64 -36.71
CA ASN B 349 11.35 -18.13 -35.34
C ASN B 349 10.73 -16.75 -35.14
N TRP B 350 11.24 -15.72 -35.84
CA TRP B 350 10.81 -14.36 -35.60
C TRP B 350 10.54 -13.65 -36.91
N ALA B 351 9.54 -12.77 -36.89
CA ALA B 351 9.11 -12.02 -38.06
C ALA B 351 8.70 -10.62 -37.61
N PRO B 352 8.75 -9.64 -38.51
CA PRO B 352 8.31 -8.29 -38.16
C PRO B 352 6.78 -8.20 -38.08
N GLN B 353 6.22 -8.72 -36.99
CA GLN B 353 4.77 -8.87 -36.91
C GLN B 353 4.04 -7.55 -37.14
N ALA B 354 4.33 -6.55 -36.28
CA ALA B 354 3.64 -5.27 -36.39
C ALA B 354 3.60 -4.75 -37.82
N GLN B 355 4.74 -4.85 -38.51
CA GLN B 355 4.80 -4.37 -39.90
C GLN B 355 4.03 -5.29 -40.84
N ILE B 356 4.04 -6.60 -40.57
CA ILE B 356 3.28 -7.53 -41.39
C ILE B 356 1.79 -7.27 -41.27
N LEU B 357 1.32 -7.04 -40.04
CA LEU B 357 -0.10 -6.78 -39.83
C LEU B 357 -0.54 -5.43 -40.40
N SER B 358 0.42 -4.53 -40.65
CA SER B 358 0.11 -3.26 -41.28
C SER B 358 0.12 -3.35 -42.80
N HIS B 359 0.71 -4.39 -43.37
CA HIS B 359 0.80 -4.53 -44.82
C HIS B 359 -0.57 -4.79 -45.42
N GLY B 360 -0.82 -4.19 -46.59
CA GLY B 360 -2.13 -4.30 -47.21
C GLY B 360 -2.44 -5.68 -47.75
N SER B 361 -1.40 -6.45 -48.09
CA SER B 361 -1.59 -7.81 -48.59
C SER B 361 -2.03 -8.77 -47.48
N THR B 362 -1.94 -8.36 -46.22
CA THR B 362 -2.34 -9.21 -45.11
C THR B 362 -3.85 -9.11 -44.91
N GLY B 363 -4.54 -10.23 -45.04
CA GLY B 363 -5.99 -10.26 -44.90
C GLY B 363 -6.49 -11.14 -43.77
N GLY B 364 -5.56 -11.81 -43.07
CA GLY B 364 -5.95 -12.68 -41.98
C GLY B 364 -4.76 -13.00 -41.09
N PHE B 365 -5.06 -13.41 -39.86
CA PHE B 365 -4.05 -13.68 -38.85
C PHE B 365 -4.50 -14.89 -38.04
N LEU B 366 -3.83 -16.03 -38.24
CA LEU B 366 -3.97 -17.17 -37.34
C LEU B 366 -3.05 -16.93 -36.14
N THR B 367 -3.64 -16.58 -35.01
CA THR B 367 -2.92 -16.09 -33.85
C THR B 367 -3.16 -17.01 -32.65
N HIS B 368 -2.23 -16.98 -31.69
CA HIS B 368 -2.41 -17.69 -30.43
C HIS B 368 -3.16 -16.82 -29.40
N CYS B 369 -3.61 -15.63 -29.79
CA CYS B 369 -4.48 -14.78 -28.99
C CYS B 369 -3.76 -14.12 -27.81
N GLY B 370 -2.44 -14.00 -27.88
CA GLY B 370 -1.76 -13.07 -26.99
C GLY B 370 -2.30 -11.66 -27.19
N TRP B 371 -2.40 -10.91 -26.08
CA TRP B 371 -3.13 -9.65 -26.15
C TRP B 371 -2.43 -8.64 -27.05
N ASN B 372 -1.10 -8.61 -27.04
CA ASN B 372 -0.38 -7.70 -27.93
C ASN B 372 -0.63 -8.05 -29.39
N SER B 373 -0.60 -9.35 -29.72
CA SER B 373 -0.92 -9.77 -31.07
C SER B 373 -2.37 -9.41 -31.43
N THR B 374 -3.30 -9.67 -30.50
CA THR B 374 -4.69 -9.35 -30.75
C THR B 374 -4.88 -7.85 -30.97
N LEU B 375 -4.25 -7.03 -30.13
CA LEU B 375 -4.42 -5.58 -30.24
C LEU B 375 -3.83 -5.05 -31.54
N GLU B 376 -2.68 -5.60 -31.95
CA GLU B 376 -2.08 -5.19 -33.21
C GLU B 376 -2.99 -5.52 -34.39
N SER B 377 -3.67 -6.66 -34.33
CA SER B 377 -4.59 -7.04 -35.39
C SER B 377 -5.85 -6.16 -35.37
N VAL B 378 -6.31 -5.76 -34.17
CA VAL B 378 -7.50 -4.93 -34.07
C VAL B 378 -7.24 -3.54 -34.65
N VAL B 379 -6.08 -2.97 -34.35
CA VAL B 379 -5.77 -1.62 -34.82
C VAL B 379 -5.69 -1.61 -36.35
N HIS B 380 -5.35 -2.75 -36.96
CA HIS B 380 -5.24 -2.84 -38.40
C HIS B 380 -6.40 -3.59 -39.04
N GLY B 381 -7.40 -3.98 -38.27
CA GLY B 381 -8.59 -4.57 -38.85
C GLY B 381 -8.36 -5.91 -39.50
N VAL B 382 -7.43 -6.69 -38.99
CA VAL B 382 -7.09 -7.99 -39.58
C VAL B 382 -7.94 -9.05 -38.87
N PRO B 383 -8.79 -9.78 -39.60
CA PRO B 383 -9.56 -10.85 -38.95
C PRO B 383 -8.66 -11.94 -38.41
N LEU B 384 -9.21 -12.74 -37.49
CA LEU B 384 -8.42 -13.66 -36.70
C LEU B 384 -8.99 -15.07 -36.74
N ILE B 385 -8.09 -16.04 -36.68
CA ILE B 385 -8.41 -17.43 -36.34
C ILE B 385 -7.74 -17.71 -35.00
N ALA B 386 -8.54 -18.02 -33.99
CA ALA B 386 -8.06 -18.12 -32.62
C ALA B 386 -7.52 -19.52 -32.36
N TRP B 387 -6.26 -19.59 -31.94
CA TRP B 387 -5.57 -20.85 -31.64
C TRP B 387 -4.84 -20.69 -30.31
N PRO B 388 -5.59 -20.58 -29.21
CA PRO B 388 -4.95 -20.31 -27.92
C PRO B 388 -4.04 -21.45 -27.49
N LEU B 389 -2.93 -21.09 -26.83
CA LEU B 389 -1.96 -22.10 -26.42
C LEU B 389 -1.62 -22.06 -24.93
N TYR B 390 -1.26 -20.89 -24.38
CA TYR B 390 -0.79 -20.85 -23.00
C TYR B 390 -1.27 -19.57 -22.31
N ALA B 391 -0.94 -19.45 -21.02
CA ALA B 391 -1.22 -18.28 -20.19
C ALA B 391 -2.72 -18.01 -20.23
N GLU B 392 -3.17 -16.78 -20.50
CA GLU B 392 -4.58 -16.44 -20.51
C GLU B 392 -5.18 -16.49 -21.92
N GLN B 393 -4.49 -17.14 -22.86
CA GLN B 393 -4.93 -17.10 -24.25
C GLN B 393 -6.27 -17.78 -24.45
N LYS B 394 -6.60 -18.79 -23.64
CA LYS B 394 -7.91 -19.41 -23.78
C LYS B 394 -9.01 -18.42 -23.40
N MET B 395 -8.77 -17.62 -22.35
CA MET B 395 -9.71 -16.55 -22.01
C MET B 395 -9.83 -15.55 -23.15
N ASN B 396 -8.70 -15.19 -23.76
CA ASN B 396 -8.74 -14.25 -24.86
C ASN B 396 -9.47 -14.84 -26.06
N ALA B 397 -9.24 -16.12 -26.35
CA ALA B 397 -9.93 -16.78 -27.46
C ALA B 397 -11.45 -16.72 -27.27
N VAL B 398 -11.93 -17.02 -26.07
CA VAL B 398 -13.37 -17.07 -25.85
C VAL B 398 -14.00 -15.72 -26.15
N MET B 399 -13.47 -14.66 -25.53
CA MET B 399 -14.06 -13.34 -25.74
C MET B 399 -13.88 -12.87 -27.18
N LEU B 400 -12.81 -13.30 -27.85
CA LEU B 400 -12.62 -12.90 -29.24
C LEU B 400 -13.62 -13.61 -30.16
N THR B 401 -13.93 -14.87 -29.87
CA THR B 401 -14.80 -15.65 -30.73
C THR B 401 -16.28 -15.44 -30.41
N GLU B 402 -16.60 -15.22 -29.13
CA GLU B 402 -17.97 -15.25 -28.66
C GLU B 402 -18.48 -13.92 -28.12
N ASP B 403 -17.60 -13.02 -27.68
CA ASP B 403 -17.99 -11.71 -27.17
C ASP B 403 -17.68 -10.61 -28.18
N ILE B 404 -16.40 -10.43 -28.50
CA ILE B 404 -16.01 -9.45 -29.51
C ILE B 404 -16.45 -9.91 -30.89
N LYS B 405 -16.49 -11.24 -31.11
CA LYS B 405 -17.06 -11.81 -32.33
C LYS B 405 -16.26 -11.41 -33.56
N VAL B 406 -14.93 -11.40 -33.43
CA VAL B 406 -14.03 -11.07 -34.52
C VAL B 406 -13.06 -12.21 -34.80
N ALA B 407 -13.35 -13.41 -34.32
CA ALA B 407 -12.45 -14.54 -34.51
C ALA B 407 -13.25 -15.79 -34.82
N LEU B 408 -12.68 -16.63 -35.68
CA LEU B 408 -13.20 -17.97 -35.94
C LEU B 408 -12.34 -18.99 -35.22
N ARG B 409 -12.94 -20.13 -34.90
CA ARG B 409 -12.28 -21.15 -34.08
C ARG B 409 -12.35 -22.49 -34.79
N PRO B 410 -11.22 -23.16 -35.03
CA PRO B 410 -11.26 -24.51 -35.60
C PRO B 410 -11.57 -25.55 -34.54
N LYS B 411 -12.25 -26.62 -34.95
CA LYS B 411 -12.55 -27.71 -34.03
C LYS B 411 -11.40 -28.72 -33.98
N ALA B 412 -11.18 -29.28 -32.79
CA ALA B 412 -10.14 -30.27 -32.54
C ALA B 412 -10.74 -31.63 -32.20
N ASN B 413 -9.91 -32.67 -32.33
CA ASN B 413 -10.32 -34.04 -32.04
C ASN B 413 -10.24 -34.31 -30.53
N GLU B 414 -10.35 -35.59 -30.15
CA GLU B 414 -10.37 -35.95 -28.73
C GLU B 414 -9.13 -35.45 -28.01
N ASN B 415 -7.96 -35.57 -28.63
CA ASN B 415 -6.70 -35.21 -28.00
C ASN B 415 -6.29 -33.78 -28.35
N GLY B 416 -7.22 -32.99 -28.87
CA GLY B 416 -6.91 -31.61 -29.19
C GLY B 416 -6.18 -31.39 -30.49
N LEU B 417 -6.14 -32.39 -31.36
CA LEU B 417 -5.44 -32.24 -32.64
C LEU B 417 -6.38 -31.56 -33.63
N VAL B 418 -5.91 -30.45 -34.20
CA VAL B 418 -6.63 -29.75 -35.25
C VAL B 418 -6.20 -30.33 -36.58
N GLY B 419 -7.13 -30.98 -37.28
CA GLY B 419 -6.80 -31.65 -38.52
C GLY B 419 -6.57 -30.69 -39.68
N ARG B 420 -5.76 -31.14 -40.63
CA ARG B 420 -5.52 -30.36 -41.83
C ARG B 420 -6.81 -29.92 -42.50
N LEU B 421 -7.83 -30.77 -42.50
CA LEU B 421 -9.08 -30.42 -43.19
C LEU B 421 -9.82 -29.31 -42.44
N GLU B 422 -9.94 -29.44 -41.12
CA GLU B 422 -10.57 -28.38 -40.34
C GLU B 422 -9.77 -27.09 -40.48
N ILE B 423 -8.44 -27.18 -40.49
CA ILE B 423 -7.62 -26.00 -40.72
C ILE B 423 -7.94 -25.38 -42.07
N ALA B 424 -7.93 -26.20 -43.12
CA ALA B 424 -8.22 -25.69 -44.45
C ALA B 424 -9.60 -25.02 -44.50
N LYS B 425 -10.57 -25.57 -43.77
CA LYS B 425 -11.91 -25.01 -43.79
C LYS B 425 -11.93 -23.61 -43.19
N VAL B 426 -11.36 -23.45 -42.00
CA VAL B 426 -11.41 -22.16 -41.33
C VAL B 426 -10.54 -21.14 -42.05
N VAL B 427 -9.39 -21.57 -42.58
CA VAL B 427 -8.53 -20.66 -43.32
C VAL B 427 -9.28 -20.09 -44.51
N LYS B 428 -9.83 -20.95 -45.37
CA LYS B 428 -10.59 -20.48 -46.52
C LYS B 428 -11.84 -19.72 -46.08
N GLY B 429 -12.51 -20.20 -45.03
CA GLY B 429 -13.66 -19.48 -44.52
C GLY B 429 -13.33 -18.06 -44.12
N LEU B 430 -12.13 -17.85 -43.58
CA LEU B 430 -11.76 -16.51 -43.13
C LEU B 430 -11.35 -15.62 -44.29
N MET B 431 -10.63 -16.18 -45.28
CA MET B 431 -10.07 -15.36 -46.35
C MET B 431 -11.08 -15.09 -47.46
N GLU B 432 -11.90 -16.08 -47.82
CA GLU B 432 -12.79 -15.95 -48.98
C GLU B 432 -14.25 -16.26 -48.67
N GLY B 433 -14.52 -17.24 -47.82
CA GLY B 433 -15.87 -17.74 -47.68
C GLY B 433 -16.80 -16.78 -46.97
N GLU B 434 -18.09 -17.09 -47.05
CA GLU B 434 -19.10 -16.37 -46.28
C GLU B 434 -18.83 -16.51 -44.79
N GLU B 435 -18.16 -17.60 -44.40
CA GLU B 435 -17.92 -17.84 -42.98
C GLU B 435 -17.19 -16.67 -42.34
N GLY B 436 -16.31 -16.02 -43.10
CA GLY B 436 -15.52 -14.91 -42.59
C GLY B 436 -16.12 -13.52 -42.71
N LYS B 437 -17.23 -13.35 -43.45
CA LYS B 437 -17.75 -12.00 -43.64
C LYS B 437 -18.08 -11.33 -42.31
N GLY B 438 -18.68 -12.07 -41.37
CA GLY B 438 -19.09 -11.46 -40.13
C GLY B 438 -17.90 -10.97 -39.30
N VAL B 439 -16.84 -11.78 -39.22
CA VAL B 439 -15.66 -11.37 -38.48
C VAL B 439 -14.94 -10.24 -39.21
N ARG B 440 -14.85 -10.33 -40.54
CA ARG B 440 -14.19 -9.27 -41.29
C ARG B 440 -14.86 -7.92 -41.06
N THR B 441 -16.17 -7.87 -41.24
CA THR B 441 -16.89 -6.61 -41.06
C THR B 441 -16.78 -6.11 -39.63
N ARG B 442 -17.00 -7.00 -38.65
CA ARG B 442 -16.99 -6.58 -37.26
C ARG B 442 -15.58 -6.18 -36.83
N MET B 443 -14.55 -6.86 -37.33
CA MET B 443 -13.19 -6.46 -37.02
C MET B 443 -12.85 -5.10 -37.63
N ARG B 444 -13.41 -4.81 -38.81
CA ARG B 444 -13.21 -3.51 -39.43
C ARG B 444 -13.88 -2.41 -38.60
N ASP B 445 -15.03 -2.72 -37.99
CA ASP B 445 -15.65 -1.77 -37.06
C ASP B 445 -14.75 -1.50 -35.86
N LEU B 446 -13.99 -2.51 -35.43
CA LEU B 446 -13.09 -2.33 -34.30
C LEU B 446 -11.88 -1.48 -34.68
N LYS B 447 -11.38 -1.65 -35.91
CA LYS B 447 -10.29 -0.80 -36.38
C LYS B 447 -10.66 0.68 -36.28
N ASP B 448 -11.84 1.04 -36.78
CA ASP B 448 -12.28 2.43 -36.67
C ASP B 448 -12.43 2.84 -35.21
N ALA B 449 -12.96 1.95 -34.37
CA ALA B 449 -13.11 2.27 -32.95
C ALA B 449 -11.76 2.50 -32.29
N ALA B 450 -10.77 1.66 -32.59
CA ALA B 450 -9.44 1.85 -32.02
C ALA B 450 -8.84 3.18 -32.45
N ALA B 451 -9.08 3.58 -33.70
CA ALA B 451 -8.60 4.88 -34.15
C ALA B 451 -9.34 6.00 -33.44
N LYS B 452 -10.61 5.79 -33.11
CA LYS B 452 -11.39 6.81 -32.43
C LYS B 452 -10.87 7.04 -31.01
N VAL B 453 -10.63 5.96 -30.26
CA VAL B 453 -10.20 6.11 -28.88
C VAL B 453 -8.77 6.66 -28.78
N LEU B 454 -7.97 6.47 -29.83
CA LEU B 454 -6.59 6.95 -29.86
C LEU B 454 -6.44 8.30 -30.53
N SER B 455 -7.55 8.93 -30.92
CA SER B 455 -7.50 10.21 -31.60
C SER B 455 -7.27 11.34 -30.58
N GLN B 456 -7.23 12.57 -31.09
CA GLN B 456 -6.92 13.73 -30.25
C GLN B 456 -7.83 13.79 -29.04
N ASP B 457 -9.14 13.61 -29.25
CA ASP B 457 -10.14 13.60 -28.19
C ASP B 457 -10.57 12.20 -27.80
N GLY B 458 -9.77 11.19 -28.12
CA GLY B 458 -10.16 9.83 -27.81
C GLY B 458 -10.13 9.55 -26.32
N SER B 459 -10.90 8.55 -25.92
CA SER B 459 -11.03 8.22 -24.51
C SER B 459 -9.71 7.70 -23.94
N SER B 460 -8.98 6.91 -24.73
CA SER B 460 -7.71 6.39 -24.26
C SER B 460 -6.66 7.48 -24.21
N THR B 461 -6.69 8.40 -25.18
CA THR B 461 -5.81 9.57 -25.11
C THR B 461 -6.12 10.41 -23.88
N LYS B 462 -7.40 10.51 -23.51
CA LYS B 462 -7.77 11.29 -22.34
C LYS B 462 -7.40 10.58 -21.05
N ALA B 463 -7.58 9.25 -21.00
CA ALA B 463 -7.18 8.49 -19.83
C ALA B 463 -5.68 8.61 -19.59
N LEU B 464 -4.88 8.51 -20.66
CA LEU B 464 -3.45 8.71 -20.53
C LEU B 464 -3.14 10.12 -20.06
N ALA B 465 -3.91 11.10 -20.53
CA ALA B 465 -3.67 12.49 -20.11
C ALA B 465 -4.06 12.68 -18.65
N GLU B 466 -5.12 12.00 -18.20
CA GLU B 466 -5.47 12.03 -16.80
C GLU B 466 -4.34 11.51 -15.93
N LEU B 467 -3.77 10.34 -16.29
CA LEU B 467 -2.66 9.80 -15.52
C LEU B 467 -1.45 10.73 -15.59
N ALA B 468 -1.17 11.29 -16.76
CA ALA B 468 -0.03 12.20 -16.89
C ALA B 468 -0.16 13.37 -15.92
N THR B 469 -1.38 13.86 -15.72
CA THR B 469 -1.59 14.96 -14.78
C THR B 469 -1.32 14.52 -13.36
N LYS B 470 -1.83 13.34 -12.98
CA LYS B 470 -1.64 12.85 -11.61
C LYS B 470 -0.16 12.76 -11.27
N LEU B 471 0.65 12.27 -12.22
CA LEU B 471 2.07 12.08 -11.95
C LEU B 471 2.83 13.41 -11.94
N LYS B 472 2.44 14.34 -12.81
CA LYS B 472 3.11 15.64 -12.85
C LYS B 472 2.75 16.50 -11.64
N ASN B 473 1.56 16.32 -11.07
CA ASN B 473 1.16 17.09 -9.90
C ASN B 473 1.90 16.66 -8.64
N LYS B 474 2.79 15.67 -8.75
CA LYS B 474 3.63 15.27 -7.63
C LYS B 474 4.96 16.02 -7.60
N VAL B 475 5.37 16.61 -8.71
CA VAL B 475 6.65 17.29 -8.80
C VAL B 475 6.44 18.77 -9.10
#